data_1J49
#
_entry.id   1J49
#
_cell.length_a   79.4
_cell.length_b   79.4
_cell.length_c   228.5
_cell.angle_alpha   90.00
_cell.angle_beta   90.00
_cell.angle_gamma   90.00
#
_symmetry.space_group_name_H-M   'P 43 21 2'
#
loop_
_entity.id
_entity.type
_entity.pdbx_description
1 polymer 'D-LACTATE DEHYDROGENASE'
2 non-polymer NICOTINAMIDE-ADENINE-DINUCLEOTIDE
3 non-polymer 'SULFATE ION'
4 water water
#
_entity_poly.entity_id   1
_entity_poly.type   'polypeptide(L)'
_entity_poly.pdbx_seq_one_letter_code
;MTKIFAYAIREDEKPFLKEWEDAHKDVEVEYTDKLLTPETVALAKGADGVVVYQQLDYIAETLQALADNGITKMSLRNVG
VDNIDMAKAKELGFQITNVPVYSPNAIAEHAAIQAARILRQDKAMDEKVARHDLRWAPTIGREVRDQVVGVVGTGHIGQV
FMQIMEGFGAKVITYDIFRNPELEKKGYYVDSLDDLYKQADVISLHVPDVPANVHMINDESIAKMKQDVVIVNVSRGPLV
DTDAVIRGLDSGKIFGYAMDVYEGEVGIFNEDWEGKEFPDARLADLIARPNVLVTPHTAFYTTHAVRNMVVKAFDNNLEL
VEGKEAETPVKVG
;
_entity_poly.pdbx_strand_id   A,B
#
loop_
_chem_comp.id
_chem_comp.type
_chem_comp.name
_chem_comp.formula
NAD non-polymer NICOTINAMIDE-ADENINE-DINUCLEOTIDE 'C21 H27 N7 O14 P2'
SO4 non-polymer 'SULFATE ION' 'O4 S -2'
#
# COMPACT_ATOMS: atom_id res chain seq x y z
N MET A 1 -8.72 18.60 42.72
CA MET A 1 -7.48 19.24 42.23
C MET A 1 -7.47 19.46 40.72
N THR A 2 -8.58 19.11 40.09
CA THR A 2 -8.66 19.02 38.63
C THR A 2 -7.79 17.76 38.35
N LYS A 3 -8.41 16.65 38.76
CA LYS A 3 -7.82 15.34 38.66
C LYS A 3 -8.62 14.50 37.67
N ILE A 4 -8.02 14.26 36.52
CA ILE A 4 -8.60 13.43 35.47
C ILE A 4 -8.08 12.01 35.61
N PHE A 5 -8.94 11.03 35.77
CA PHE A 5 -8.51 9.63 35.91
C PHE A 5 -8.79 8.93 34.57
N ALA A 6 -7.85 8.21 33.99
CA ALA A 6 -8.08 7.55 32.71
C ALA A 6 -7.97 6.03 32.83
N TYR A 7 -8.89 5.34 32.19
CA TYR A 7 -8.93 3.88 32.18
C TYR A 7 -8.48 3.30 30.83
N ALA A 8 -7.98 2.07 30.84
CA ALA A 8 -7.63 1.37 29.60
C ALA A 8 -6.52 2.03 28.81
N ILE A 9 -5.63 2.72 29.47
CA ILE A 9 -4.58 3.45 28.77
C ILE A 9 -3.61 2.43 28.19
N ARG A 10 -3.41 2.54 26.88
CA ARG A 10 -2.44 1.64 26.23
C ARG A 10 -1.05 2.23 26.21
N GLU A 11 -0.05 1.36 26.08
CA GLU A 11 1.33 1.78 25.90
C GLU A 11 1.46 2.83 24.81
N ASP A 12 0.84 2.60 23.65
CA ASP A 12 1.00 3.53 22.53
C ASP A 12 0.25 4.84 22.75
N GLU A 13 -0.47 4.94 23.86
CA GLU A 13 -1.25 6.16 24.13
C GLU A 13 -0.44 7.11 25.05
N LYS A 14 0.40 6.53 25.86
CA LYS A 14 1.23 7.21 26.84
C LYS A 14 1.95 8.44 26.33
N PRO A 15 2.60 8.38 25.19
CA PRO A 15 3.23 9.51 24.54
C PRO A 15 2.29 10.65 24.31
N PHE A 16 1.02 10.38 24.04
CA PHE A 16 0.10 11.52 23.77
C PHE A 16 -0.47 12.00 25.09
N LEU A 17 -0.54 11.08 26.04
CA LEU A 17 -0.97 11.41 27.39
C LEU A 17 0.09 12.32 28.04
N LYS A 18 1.36 11.90 27.97
CA LYS A 18 2.42 12.71 28.54
C LYS A 18 2.33 14.14 27.95
N GLU A 19 2.21 14.15 26.63
CA GLU A 19 2.12 15.41 25.93
C GLU A 19 1.00 16.26 26.52
N TRP A 20 -0.17 15.63 26.65
CA TRP A 20 -1.31 16.36 27.19
C TRP A 20 -0.94 16.90 28.61
N GLU A 21 -0.37 16.08 29.45
CA GLU A 21 0.04 16.53 30.75
C GLU A 21 1.00 17.72 30.71
N ASP A 22 1.96 17.69 29.79
CA ASP A 22 2.94 18.78 29.70
C ASP A 22 2.25 20.08 29.27
N ALA A 23 1.09 20.01 28.61
CA ALA A 23 0.38 21.25 28.29
C ALA A 23 -0.61 21.64 29.41
N HIS A 24 -0.70 20.87 30.47
CA HIS A 24 -1.68 21.12 31.54
C HIS A 24 -1.09 20.67 32.87
N LYS A 25 0.07 21.21 33.19
CA LYS A 25 0.82 20.81 34.37
C LYS A 25 0.05 21.07 35.66
N ASP A 26 -0.96 21.91 35.60
CA ASP A 26 -1.75 22.18 36.81
C ASP A 26 -2.77 21.05 37.02
N VAL A 27 -3.07 20.31 35.94
CA VAL A 27 -4.02 19.22 36.06
C VAL A 27 -3.32 17.94 36.54
N GLU A 28 -4.00 17.26 37.45
CA GLU A 28 -3.53 15.97 37.98
C GLU A 28 -4.13 14.88 37.09
N VAL A 29 -3.27 14.10 36.44
CA VAL A 29 -3.77 13.06 35.53
C VAL A 29 -3.30 11.68 36.01
N GLU A 30 -4.27 10.81 36.26
CA GLU A 30 -3.92 9.43 36.66
C GLU A 30 -4.65 8.49 35.68
N TYR A 31 -4.14 7.28 35.62
CA TYR A 31 -4.71 6.30 34.70
C TYR A 31 -4.31 4.90 35.14
N THR A 32 -5.08 3.93 34.70
CA THR A 32 -4.85 2.53 34.91
C THR A 32 -4.86 1.81 33.57
N ASP A 33 -4.34 0.59 33.53
CA ASP A 33 -4.43 -0.18 32.27
C ASP A 33 -5.78 -0.91 32.28
N LYS A 34 -6.32 -1.04 33.49
CA LYS A 34 -7.59 -1.75 33.67
C LYS A 34 -8.74 -1.03 33.01
N LEU A 35 -9.81 -1.78 32.73
CA LEU A 35 -11.01 -1.26 32.10
C LEU A 35 -11.96 -0.70 33.15
N LEU A 36 -12.94 0.08 32.74
CA LEU A 36 -13.86 0.65 33.73
C LEU A 36 -14.95 -0.36 34.11
N THR A 37 -14.86 -0.88 35.33
CA THR A 37 -15.82 -1.80 35.88
C THR A 37 -16.28 -1.28 37.25
N PRO A 38 -17.44 -1.70 37.67
CA PRO A 38 -18.02 -1.34 38.95
C PRO A 38 -17.04 -1.53 40.08
N GLU A 39 -15.99 -2.34 39.86
CA GLU A 39 -15.00 -2.55 40.91
C GLU A 39 -13.81 -1.63 40.67
N THR A 40 -13.73 -1.10 39.43
CA THR A 40 -12.57 -0.24 39.11
C THR A 40 -12.91 1.23 39.31
N VAL A 41 -14.18 1.57 39.44
CA VAL A 41 -14.58 2.96 39.69
C VAL A 41 -13.85 3.53 40.91
N ALA A 42 -13.86 2.77 42.00
CA ALA A 42 -13.20 3.16 43.22
C ALA A 42 -11.81 3.75 42.99
N LEU A 43 -11.21 3.42 41.86
CA LEU A 43 -9.90 3.94 41.49
C LEU A 43 -9.99 5.41 41.08
N ALA A 44 -11.13 5.83 40.53
CA ALA A 44 -11.27 7.24 40.11
C ALA A 44 -11.84 8.07 41.26
N LYS A 45 -11.91 7.50 42.46
CA LYS A 45 -12.47 8.27 43.57
C LYS A 45 -11.49 9.41 43.92
N GLY A 46 -11.99 10.62 43.73
CA GLY A 46 -11.15 11.81 43.96
C GLY A 46 -11.13 12.63 42.68
N ALA A 47 -11.10 11.93 41.55
CA ALA A 47 -11.03 12.55 40.24
C ALA A 47 -12.26 13.41 39.99
N ASP A 48 -12.17 14.36 39.07
CA ASP A 48 -13.25 15.22 38.70
C ASP A 48 -13.94 14.73 37.43
N GLY A 49 -13.29 13.72 36.83
CA GLY A 49 -13.73 13.21 35.54
C GLY A 49 -12.86 12.04 35.12
N VAL A 50 -13.43 11.23 34.23
CA VAL A 50 -12.74 10.03 33.77
C VAL A 50 -12.69 10.01 32.24
N VAL A 51 -11.54 9.55 31.74
CA VAL A 51 -11.42 9.41 30.28
C VAL A 51 -11.42 7.90 29.98
N VAL A 52 -12.29 7.47 29.09
CA VAL A 52 -12.47 6.04 28.93
C VAL A 52 -12.39 5.62 27.47
N TYR A 53 -12.13 4.33 27.31
CA TYR A 53 -12.07 3.71 25.98
C TYR A 53 -12.11 2.19 26.18
N GLN A 54 -13.20 1.56 25.84
CA GLN A 54 -13.39 0.13 25.99
C GLN A 54 -14.73 -0.34 25.41
N GLN A 55 -14.78 -1.55 24.91
CA GLN A 55 -16.04 -2.11 24.41
C GLN A 55 -16.84 -2.72 25.57
N LEU A 56 -16.15 -3.15 26.62
CA LEU A 56 -16.80 -3.60 27.84
C LEU A 56 -17.88 -2.59 28.20
N ASP A 57 -19.15 -2.93 28.10
CA ASP A 57 -20.26 -2.07 28.33
C ASP A 57 -20.09 -1.08 29.47
N TYR A 58 -20.82 0.03 29.36
CA TYR A 58 -20.85 0.95 30.52
C TYR A 58 -22.12 0.65 31.31
N ILE A 59 -22.04 -0.40 32.12
CA ILE A 59 -23.23 -0.88 32.82
C ILE A 59 -23.74 0.07 33.89
N ALA A 60 -25.07 0.21 33.97
CA ALA A 60 -25.66 1.03 35.04
C ALA A 60 -24.84 0.83 36.31
N GLU A 61 -24.72 -0.44 36.73
CA GLU A 61 -23.91 -0.76 37.90
C GLU A 61 -22.61 0.05 37.89
N THR A 62 -21.95 0.06 36.73
CA THR A 62 -20.69 0.80 36.59
C THR A 62 -20.91 2.29 36.77
N LEU A 63 -21.76 2.89 35.94
CA LEU A 63 -22.03 4.31 36.05
C LEU A 63 -22.31 4.65 37.52
N GLN A 64 -23.16 3.82 38.11
CA GLN A 64 -23.61 4.02 39.49
C GLN A 64 -22.45 4.01 40.48
N ALA A 65 -21.49 3.11 40.33
CA ALA A 65 -20.35 3.04 41.24
C ALA A 65 -19.43 4.25 41.06
N LEU A 66 -19.59 4.88 39.89
CA LEU A 66 -18.81 6.04 39.52
C LEU A 66 -19.36 7.26 40.26
N ALA A 67 -20.63 7.55 39.97
CA ALA A 67 -21.32 8.64 40.65
C ALA A 67 -21.16 8.44 42.17
N ASP A 68 -21.34 7.20 42.63
CA ASP A 68 -21.19 6.96 44.07
C ASP A 68 -19.76 7.29 44.50
N ASN A 69 -18.86 7.39 43.53
CA ASN A 69 -17.47 7.76 43.84
C ASN A 69 -17.27 9.23 43.46
N GLY A 70 -18.34 9.91 43.10
CA GLY A 70 -18.35 11.33 42.86
C GLY A 70 -18.12 11.76 41.43
N ILE A 71 -17.99 10.79 40.53
CA ILE A 71 -17.72 11.13 39.13
C ILE A 71 -19.00 11.09 38.32
N THR A 72 -19.22 12.11 37.50
CA THR A 72 -20.38 12.23 36.64
C THR A 72 -20.01 12.79 35.28
N LYS A 73 -18.72 12.97 35.04
CA LYS A 73 -18.23 13.51 33.76
C LYS A 73 -17.39 12.41 33.08
N MET A 74 -17.72 12.11 31.83
CA MET A 74 -17.11 11.01 31.12
C MET A 74 -16.69 11.38 29.71
N SER A 75 -15.42 11.12 29.41
CA SER A 75 -14.93 11.48 28.07
C SER A 75 -14.40 10.25 27.33
N LEU A 76 -15.08 9.95 26.24
CA LEU A 76 -14.77 8.83 25.39
C LEU A 76 -13.59 9.14 24.46
N ARG A 77 -12.58 8.28 24.46
CA ARG A 77 -11.54 8.53 23.45
C ARG A 77 -11.95 7.98 22.07
N ASN A 78 -13.16 7.47 21.95
CA ASN A 78 -13.59 6.89 20.66
C ASN A 78 -14.85 7.57 20.16
N VAL A 79 -15.54 6.98 19.19
CA VAL A 79 -16.74 7.60 18.64
C VAL A 79 -17.99 7.04 19.32
N GLY A 80 -17.97 5.72 19.42
CA GLY A 80 -19.07 4.93 19.89
C GLY A 80 -19.66 5.37 21.20
N VAL A 81 -20.97 5.56 21.24
CA VAL A 81 -21.65 5.91 22.49
C VAL A 81 -22.71 4.85 22.74
N ASP A 82 -22.41 3.64 22.26
CA ASP A 82 -23.27 2.51 22.21
C ASP A 82 -23.37 1.60 23.42
N ASN A 83 -22.23 1.25 24.02
CA ASN A 83 -22.23 0.35 25.16
C ASN A 83 -22.40 1.17 26.44
N ILE A 84 -23.00 2.36 26.24
CA ILE A 84 -23.24 3.18 27.44
C ILE A 84 -24.69 3.05 27.88
N ASP A 85 -24.92 2.44 29.04
CA ASP A 85 -26.28 2.43 29.58
C ASP A 85 -26.77 3.88 29.64
N MET A 86 -27.42 4.36 28.62
CA MET A 86 -27.86 5.74 28.51
C MET A 86 -28.96 6.16 29.47
N ALA A 87 -29.88 5.28 29.84
CA ALA A 87 -30.98 5.72 30.72
C ALA A 87 -30.41 6.01 32.10
N LYS A 88 -29.45 5.16 32.47
CA LYS A 88 -28.76 5.31 33.75
C LYS A 88 -28.05 6.66 33.78
N ALA A 89 -27.25 6.89 32.73
CA ALA A 89 -26.48 8.12 32.60
C ALA A 89 -27.36 9.35 32.84
N LYS A 90 -28.34 9.54 31.98
CA LYS A 90 -29.24 10.69 32.12
C LYS A 90 -29.76 10.78 33.55
N GLU A 91 -30.01 9.63 34.16
CA GLU A 91 -30.49 9.56 35.52
C GLU A 91 -29.55 10.25 36.49
N LEU A 92 -28.26 9.87 36.47
CA LEU A 92 -27.29 10.43 37.40
C LEU A 92 -26.74 11.76 36.93
N GLY A 93 -27.35 12.33 35.91
CA GLY A 93 -26.93 13.62 35.37
C GLY A 93 -25.53 13.57 34.75
N PHE A 94 -25.20 12.41 34.18
CA PHE A 94 -23.89 12.22 33.57
C PHE A 94 -23.63 13.17 32.40
N GLN A 95 -22.45 13.78 32.41
CA GLN A 95 -22.01 14.58 31.28
C GLN A 95 -21.03 13.68 30.49
N ILE A 96 -21.29 13.56 29.20
CA ILE A 96 -20.51 12.63 28.40
C ILE A 96 -19.99 13.20 27.11
N THR A 97 -18.70 12.98 26.87
CA THR A 97 -18.11 13.38 25.60
C THR A 97 -17.51 12.12 24.92
N ASN A 98 -17.25 12.26 23.64
CA ASN A 98 -16.56 11.25 22.87
C ASN A 98 -15.57 11.94 21.91
N VAL A 99 -15.01 11.14 20.99
CA VAL A 99 -14.12 11.68 19.98
C VAL A 99 -14.62 11.16 18.62
N PRO A 100 -15.39 12.01 17.97
CA PRO A 100 -16.09 11.68 16.75
C PRO A 100 -15.18 11.54 15.55
N VAL A 101 -14.17 12.37 15.48
CA VAL A 101 -13.23 12.41 14.35
C VAL A 101 -11.81 12.54 14.84
N TYR A 102 -10.97 11.56 14.54
CA TYR A 102 -9.59 11.59 15.04
C TYR A 102 -8.61 11.59 13.88
N SER A 103 -8.96 10.76 12.89
CA SER A 103 -8.17 10.67 11.69
C SER A 103 -8.90 9.87 10.63
N PRO A 104 -9.56 10.54 9.73
CA PRO A 104 -10.27 9.99 8.63
C PRO A 104 -9.29 9.38 7.64
N ASN A 105 -8.10 10.01 7.55
CA ASN A 105 -7.12 9.53 6.58
C ASN A 105 -6.61 8.13 7.00
N ALA A 106 -6.60 7.84 8.28
CA ALA A 106 -6.15 6.56 8.80
C ALA A 106 -6.97 5.43 8.11
N ILE A 107 -8.29 5.62 8.14
CA ILE A 107 -9.19 4.61 7.59
C ILE A 107 -9.17 4.68 6.07
N ALA A 108 -9.17 5.86 5.47
CA ALA A 108 -9.18 5.92 4.01
C ALA A 108 -7.87 5.39 3.39
N GLU A 109 -6.76 5.61 4.09
CA GLU A 109 -5.46 5.16 3.55
C GLU A 109 -5.43 3.62 3.60
N HIS A 110 -5.91 3.05 4.67
CA HIS A 110 -5.99 1.60 4.85
C HIS A 110 -6.83 0.96 3.76
N ALA A 111 -7.99 1.52 3.48
CA ALA A 111 -8.84 0.99 2.40
C ALA A 111 -8.09 1.03 1.08
N ALA A 112 -7.40 2.16 0.86
CA ALA A 112 -6.73 2.40 -0.40
C ALA A 112 -5.61 1.38 -0.60
N ILE A 113 -4.81 1.27 0.44
CA ILE A 113 -3.67 0.32 0.41
C ILE A 113 -4.13 -1.11 0.20
N GLN A 114 -5.14 -1.55 0.92
CA GLN A 114 -5.66 -2.93 0.85
C GLN A 114 -6.26 -3.21 -0.52
N ALA A 115 -6.96 -2.23 -1.11
CA ALA A 115 -7.47 -2.42 -2.45
C ALA A 115 -6.35 -2.62 -3.45
N ALA A 116 -5.39 -1.64 -3.44
CA ALA A 116 -4.25 -1.75 -4.33
C ALA A 116 -3.53 -3.08 -4.18
N ARG A 117 -3.31 -3.53 -2.98
CA ARG A 117 -2.68 -4.86 -2.74
C ARG A 117 -3.40 -6.00 -3.39
N ILE A 118 -4.73 -6.03 -3.19
CA ILE A 118 -5.54 -7.04 -3.84
C ILE A 118 -5.43 -6.93 -5.34
N LEU A 119 -5.50 -5.67 -5.86
CA LEU A 119 -5.34 -5.58 -7.33
C LEU A 119 -4.03 -6.15 -7.81
N ARG A 120 -2.99 -5.90 -7.01
CA ARG A 120 -1.65 -6.31 -7.39
C ARG A 120 -1.43 -7.79 -7.16
N GLN A 121 -2.36 -8.45 -6.49
CA GLN A 121 -2.13 -9.81 -6.04
C GLN A 121 -0.89 -9.89 -5.14
N ASP A 122 -0.73 -8.87 -4.30
CA ASP A 122 0.46 -8.77 -3.46
C ASP A 122 0.56 -9.90 -2.46
N LYS A 123 -0.55 -10.38 -1.96
CA LYS A 123 -0.54 -11.46 -0.98
C LYS A 123 -0.09 -12.76 -1.62
N ALA A 124 -0.56 -13.06 -2.81
CA ALA A 124 -0.10 -14.25 -3.53
C ALA A 124 1.40 -14.14 -3.81
N MET A 125 1.83 -12.87 -4.11
CA MET A 125 3.23 -12.67 -4.37
C MET A 125 4.05 -12.83 -3.07
N ASP A 126 3.56 -12.34 -1.93
CA ASP A 126 4.29 -12.39 -0.68
C ASP A 126 4.45 -13.85 -0.22
N GLU A 127 3.42 -14.59 -0.43
CA GLU A 127 3.36 -16.03 -0.10
C GLU A 127 4.37 -16.78 -0.96
N LYS A 128 4.52 -16.45 -2.22
CA LYS A 128 5.46 -17.13 -3.09
C LYS A 128 6.89 -16.84 -2.60
N VAL A 129 7.14 -15.54 -2.37
CA VAL A 129 8.45 -15.10 -1.92
C VAL A 129 8.85 -15.68 -0.56
N ALA A 130 7.92 -15.80 0.35
CA ALA A 130 8.24 -16.30 1.68
C ALA A 130 8.65 -17.78 1.53
N ARG A 131 8.09 -18.50 0.56
CA ARG A 131 8.50 -19.88 0.36
C ARG A 131 9.71 -19.96 -0.58
N HIS A 132 10.20 -18.87 -1.07
CA HIS A 132 11.33 -18.75 -1.95
C HIS A 132 10.96 -19.20 -3.38
N ASP A 133 9.72 -18.95 -3.77
CA ASP A 133 9.30 -19.05 -5.15
C ASP A 133 9.37 -17.63 -5.71
N LEU A 134 10.51 -17.25 -6.28
CA LEU A 134 10.69 -15.90 -6.79
C LEU A 134 10.33 -15.74 -8.26
N ARG A 135 9.56 -16.63 -8.83
CA ARG A 135 9.09 -16.42 -10.20
C ARG A 135 8.03 -15.35 -10.30
N TRP A 136 8.06 -14.55 -11.33
CA TRP A 136 7.03 -13.59 -11.60
C TRP A 136 5.68 -14.25 -11.83
N ALA A 137 5.69 -15.00 -12.95
CA ALA A 137 4.43 -15.61 -13.38
C ALA A 137 3.93 -16.55 -12.32
N PRO A 138 2.63 -16.64 -12.23
CA PRO A 138 1.67 -15.94 -13.03
C PRO A 138 1.04 -14.74 -12.37
N THR A 139 1.60 -14.37 -11.20
CA THR A 139 1.06 -13.32 -10.37
C THR A 139 1.14 -11.93 -10.92
N ILE A 140 0.53 -11.63 -12.05
CA ILE A 140 0.60 -10.31 -12.67
C ILE A 140 -0.34 -9.34 -11.98
N GLY A 141 0.07 -8.06 -11.88
CA GLY A 141 -0.75 -7.12 -11.16
C GLY A 141 -1.75 -6.40 -12.06
N ARG A 142 -2.64 -5.67 -11.45
CA ARG A 142 -3.56 -4.74 -12.10
C ARG A 142 -3.25 -3.37 -11.54
N GLU A 143 -2.97 -2.38 -12.32
CA GLU A 143 -2.73 -1.03 -11.82
C GLU A 143 -3.97 -0.41 -11.26
N VAL A 144 -3.87 0.40 -10.21
CA VAL A 144 -4.98 1.14 -9.66
C VAL A 144 -5.55 2.12 -10.70
N ARG A 145 -4.65 2.78 -11.45
CA ARG A 145 -5.07 3.78 -12.41
C ARG A 145 -5.87 3.21 -13.58
N ASP A 146 -5.87 1.91 -13.82
CA ASP A 146 -6.58 1.28 -14.88
C ASP A 146 -8.02 0.92 -14.42
N GLN A 147 -8.33 1.26 -13.18
CA GLN A 147 -9.61 0.88 -12.62
C GLN A 147 -10.59 2.03 -12.57
N VAL A 148 -11.88 1.63 -12.55
CA VAL A 148 -12.94 2.53 -12.17
C VAL A 148 -13.15 2.24 -10.70
N VAL A 149 -13.04 3.17 -9.82
CA VAL A 149 -13.24 3.00 -8.39
C VAL A 149 -14.57 3.60 -7.94
N GLY A 150 -15.45 2.75 -7.41
CA GLY A 150 -16.78 3.15 -6.96
C GLY A 150 -16.74 3.39 -5.47
N VAL A 151 -17.12 4.60 -5.03
CA VAL A 151 -17.10 4.89 -3.58
C VAL A 151 -18.55 4.98 -3.16
N VAL A 152 -18.94 4.22 -2.17
CA VAL A 152 -20.27 4.22 -1.63
C VAL A 152 -20.18 4.94 -0.28
N GLY A 153 -20.78 6.13 -0.21
CA GLY A 153 -20.64 6.96 0.99
C GLY A 153 -19.56 8.02 0.66
N THR A 154 -19.95 9.28 0.77
CA THR A 154 -19.01 10.37 0.56
C THR A 154 -18.95 11.31 1.77
N GLY A 155 -18.78 10.78 2.94
CA GLY A 155 -18.57 11.47 4.18
C GLY A 155 -17.10 11.83 4.37
N HIS A 156 -16.67 11.99 5.63
CA HIS A 156 -15.26 12.37 5.83
C HIS A 156 -14.27 11.36 5.27
N ILE A 157 -14.49 10.08 5.52
CA ILE A 157 -13.59 9.03 5.07
C ILE A 157 -13.66 8.80 3.58
N GLY A 158 -14.86 8.72 3.02
CA GLY A 158 -15.06 8.48 1.61
C GLY A 158 -14.38 9.47 0.72
N GLN A 159 -14.47 10.76 1.06
CA GLN A 159 -13.87 11.85 0.29
C GLN A 159 -12.35 11.74 0.32
N VAL A 160 -11.79 11.47 1.50
CA VAL A 160 -10.30 11.26 1.52
C VAL A 160 -9.96 10.08 0.62
N PHE A 161 -10.76 9.01 0.63
CA PHE A 161 -10.45 7.83 -0.20
C PHE A 161 -10.48 8.19 -1.65
N MET A 162 -11.49 9.01 -2.03
CA MET A 162 -11.60 9.48 -3.41
C MET A 162 -10.36 10.30 -3.80
N GLN A 163 -9.96 11.12 -2.86
CA GLN A 163 -8.78 11.98 -3.05
C GLN A 163 -7.56 11.12 -3.40
N ILE A 164 -7.33 10.13 -2.51
CA ILE A 164 -6.24 9.17 -2.68
C ILE A 164 -6.32 8.43 -3.98
N MET A 165 -7.50 7.91 -4.31
CA MET A 165 -7.64 7.12 -5.55
C MET A 165 -7.48 7.95 -6.78
N GLU A 166 -7.93 9.22 -6.69
CA GLU A 166 -7.71 10.13 -7.82
C GLU A 166 -6.21 10.40 -8.01
N GLY A 167 -5.54 10.55 -6.86
CA GLY A 167 -4.06 10.73 -6.93
C GLY A 167 -3.40 9.61 -7.73
N PHE A 168 -3.89 8.35 -7.62
CA PHE A 168 -3.36 7.24 -8.35
C PHE A 168 -3.67 7.36 -9.82
N GLY A 169 -4.68 8.25 -10.13
CA GLY A 169 -5.12 8.29 -11.53
C GLY A 169 -6.32 7.41 -11.82
N ALA A 170 -6.92 6.78 -10.83
CA ALA A 170 -8.12 5.96 -11.11
C ALA A 170 -9.29 6.87 -11.52
N LYS A 171 -10.19 6.34 -12.35
CA LYS A 171 -11.46 7.00 -12.63
C LYS A 171 -12.38 6.74 -11.45
N VAL A 172 -12.72 7.71 -10.65
CA VAL A 172 -13.50 7.59 -9.48
C VAL A 172 -14.97 8.00 -9.61
N ILE A 173 -15.89 7.03 -9.46
CA ILE A 173 -17.33 7.39 -9.44
C ILE A 173 -17.77 7.25 -7.98
N THR A 174 -18.88 7.84 -7.60
CA THR A 174 -19.37 7.80 -6.24
C THR A 174 -20.89 7.61 -6.20
N TYR A 175 -21.40 7.37 -5.03
CA TYR A 175 -22.78 7.20 -4.74
C TYR A 175 -23.00 7.41 -3.22
N ASP A 176 -23.89 8.32 -2.94
CA ASP A 176 -24.27 8.72 -1.61
C ASP A 176 -25.74 9.19 -1.73
N ILE A 177 -26.46 9.10 -0.63
CA ILE A 177 -27.89 9.47 -0.71
C ILE A 177 -28.02 10.99 -0.73
N PHE A 178 -27.15 11.64 0.02
CA PHE A 178 -27.09 13.09 0.02
C PHE A 178 -25.79 13.54 -0.63
N ARG A 179 -25.91 14.13 -1.82
CA ARG A 179 -24.79 14.61 -2.56
C ARG A 179 -24.31 15.98 -2.03
N ASN A 180 -23.07 15.93 -1.59
CA ASN A 180 -22.29 17.12 -1.21
C ASN A 180 -22.12 17.90 -2.53
N PRO A 181 -22.52 19.14 -2.54
CA PRO A 181 -22.58 19.99 -3.70
C PRO A 181 -21.24 20.15 -4.39
N GLU A 182 -20.20 20.27 -3.56
CA GLU A 182 -18.84 20.40 -4.12
C GLU A 182 -18.57 19.19 -5.02
N LEU A 183 -18.73 17.99 -4.46
CA LEU A 183 -18.55 16.77 -5.27
C LEU A 183 -19.54 16.70 -6.43
N GLU A 184 -20.76 17.21 -6.19
CA GLU A 184 -21.79 17.18 -7.25
C GLU A 184 -21.32 18.07 -8.41
N LYS A 185 -20.81 19.27 -8.08
CA LYS A 185 -20.23 20.09 -9.15
C LYS A 185 -19.24 19.27 -9.97
N LYS A 186 -18.31 18.63 -9.26
CA LYS A 186 -17.27 17.84 -9.89
C LYS A 186 -17.74 16.71 -10.78
N GLY A 187 -18.93 16.15 -10.57
CA GLY A 187 -19.44 15.07 -11.40
C GLY A 187 -19.15 13.65 -10.93
N TYR A 188 -18.83 13.46 -9.66
CA TYR A 188 -18.47 12.17 -9.12
C TYR A 188 -19.63 11.20 -8.96
N TYR A 189 -20.75 11.74 -8.52
CA TYR A 189 -21.93 10.93 -8.20
C TYR A 189 -22.53 10.26 -9.41
N VAL A 190 -23.03 9.05 -9.24
CA VAL A 190 -23.82 8.33 -10.21
C VAL A 190 -25.21 8.25 -9.53
N ASP A 191 -26.23 8.02 -10.33
CA ASP A 191 -27.61 8.09 -9.84
C ASP A 191 -28.04 6.94 -8.98
N SER A 192 -27.71 5.69 -9.41
CA SER A 192 -28.11 4.57 -8.54
C SER A 192 -26.99 3.66 -8.08
N LEU A 193 -27.08 3.11 -6.86
CA LEU A 193 -26.08 2.13 -6.42
C LEU A 193 -25.82 1.13 -7.55
N ASP A 194 -26.84 0.86 -8.35
CA ASP A 194 -26.73 -0.12 -9.42
C ASP A 194 -25.82 0.34 -10.56
N ASP A 195 -25.78 1.67 -10.71
CA ASP A 195 -24.92 2.24 -11.75
C ASP A 195 -23.46 2.04 -11.27
N LEU A 196 -23.28 2.12 -9.97
CA LEU A 196 -21.96 1.94 -9.36
C LEU A 196 -21.48 0.51 -9.58
N TYR A 197 -22.31 -0.45 -9.17
CA TYR A 197 -22.05 -1.86 -9.32
C TYR A 197 -21.78 -2.26 -10.75
N LYS A 198 -22.42 -1.65 -11.73
CA LYS A 198 -22.16 -2.07 -13.12
C LYS A 198 -20.87 -1.50 -13.64
N GLN A 199 -20.39 -0.39 -13.04
CA GLN A 199 -19.18 0.16 -13.72
C GLN A 199 -17.92 0.10 -12.84
N ALA A 200 -17.96 -0.17 -11.58
CA ALA A 200 -16.77 -0.13 -10.74
C ALA A 200 -16.01 -1.46 -10.74
N ASP A 201 -14.69 -1.29 -10.91
CA ASP A 201 -13.80 -2.45 -10.83
C ASP A 201 -13.52 -2.72 -9.38
N VAL A 202 -13.58 -1.62 -8.62
CA VAL A 202 -13.25 -1.59 -7.23
C VAL A 202 -14.36 -0.89 -6.48
N ILE A 203 -14.90 -1.56 -5.49
CA ILE A 203 -15.92 -0.93 -4.68
C ILE A 203 -15.42 -0.82 -3.28
N SER A 204 -15.52 0.34 -2.68
CA SER A 204 -15.13 0.51 -1.28
C SER A 204 -16.30 1.06 -0.50
N LEU A 205 -16.57 0.61 0.73
CA LEU A 205 -17.71 1.13 1.44
C LEU A 205 -17.32 2.07 2.59
N HIS A 206 -18.00 3.25 2.55
CA HIS A 206 -17.74 4.24 3.63
C HIS A 206 -19.05 4.77 4.17
N VAL A 207 -19.88 3.83 4.57
CA VAL A 207 -21.26 4.03 4.95
C VAL A 207 -21.53 3.40 6.29
N PRO A 208 -22.40 3.98 7.07
CA PRO A 208 -22.70 3.49 8.40
C PRO A 208 -23.55 2.21 8.30
N ASP A 209 -23.46 1.49 9.40
CA ASP A 209 -24.02 0.23 9.71
C ASP A 209 -25.53 0.30 9.91
N VAL A 210 -26.15 1.13 9.07
CA VAL A 210 -27.59 1.36 9.18
C VAL A 210 -28.38 0.27 8.48
N PRO A 211 -29.46 -0.13 9.12
CA PRO A 211 -30.36 -1.19 8.73
C PRO A 211 -30.66 -1.26 7.24
N ALA A 212 -30.73 -0.09 6.60
CA ALA A 212 -30.98 -0.08 5.16
C ALA A 212 -29.73 -0.48 4.39
N ASN A 213 -28.59 -0.56 5.11
CA ASN A 213 -27.37 -0.92 4.36
C ASN A 213 -26.90 -2.32 4.77
N VAL A 214 -27.47 -2.83 5.87
CA VAL A 214 -27.07 -4.16 6.33
C VAL A 214 -27.13 -5.14 5.16
N HIS A 215 -26.02 -5.88 4.98
CA HIS A 215 -25.90 -6.81 3.88
C HIS A 215 -26.21 -6.19 2.54
N MET A 216 -25.94 -4.90 2.37
CA MET A 216 -26.10 -4.34 1.00
C MET A 216 -25.21 -5.07 0.02
N ILE A 217 -24.09 -5.70 0.53
CA ILE A 217 -23.27 -6.45 -0.42
C ILE A 217 -23.76 -7.91 -0.26
N ASN A 218 -24.45 -8.41 -1.25
CA ASN A 218 -25.01 -9.77 -1.06
C ASN A 218 -25.03 -10.45 -2.41
N ASP A 219 -25.60 -11.63 -2.47
CA ASP A 219 -25.65 -12.39 -3.73
C ASP A 219 -26.28 -11.59 -4.83
N GLU A 220 -27.33 -10.81 -4.54
CA GLU A 220 -27.94 -10.00 -5.60
C GLU A 220 -27.06 -8.83 -6.01
N SER A 221 -26.40 -8.16 -5.09
CA SER A 221 -25.57 -6.98 -5.55
C SER A 221 -24.33 -7.50 -6.24
N ILE A 222 -23.81 -8.64 -5.73
CA ILE A 222 -22.58 -9.21 -6.35
C ILE A 222 -22.83 -9.64 -7.76
N ALA A 223 -24.05 -10.18 -7.99
CA ALA A 223 -24.38 -10.61 -9.38
C ALA A 223 -24.46 -9.43 -10.32
N LYS A 224 -24.71 -8.23 -9.83
CA LYS A 224 -24.69 -7.04 -10.68
C LYS A 224 -23.27 -6.59 -11.04
N MET A 225 -22.29 -6.98 -10.21
CA MET A 225 -20.96 -6.37 -10.30
C MET A 225 -20.23 -6.85 -11.52
N LYS A 226 -19.16 -6.12 -11.86
CA LYS A 226 -18.28 -6.44 -12.95
C LYS A 226 -17.48 -7.70 -12.63
N GLN A 227 -17.15 -8.44 -13.63
CA GLN A 227 -16.25 -9.58 -13.49
C GLN A 227 -14.94 -9.06 -12.88
N ASP A 228 -14.36 -9.78 -11.96
CA ASP A 228 -13.07 -9.40 -11.36
C ASP A 228 -13.17 -8.19 -10.47
N VAL A 229 -14.34 -7.96 -9.91
CA VAL A 229 -14.48 -6.85 -8.97
C VAL A 229 -13.64 -7.13 -7.71
N VAL A 230 -13.22 -6.03 -7.10
CA VAL A 230 -12.51 -6.03 -5.87
C VAL A 230 -13.37 -5.31 -4.85
N ILE A 231 -13.66 -5.94 -3.73
CA ILE A 231 -14.46 -5.22 -2.77
C ILE A 231 -13.65 -4.90 -1.53
N VAL A 232 -13.79 -3.69 -1.03
CA VAL A 232 -13.16 -3.25 0.18
C VAL A 232 -14.21 -2.85 1.23
N ASN A 233 -14.03 -3.28 2.45
CA ASN A 233 -14.86 -2.87 3.54
C ASN A 233 -14.07 -2.56 4.78
N VAL A 234 -13.93 -1.26 5.11
CA VAL A 234 -13.30 -0.90 6.38
C VAL A 234 -14.28 -0.14 7.26
N SER A 235 -15.56 -0.13 6.89
CA SER A 235 -16.54 0.58 7.69
C SER A 235 -17.12 -0.25 8.79
N ARG A 236 -18.11 -1.08 8.37
CA ARG A 236 -18.82 -1.91 9.33
C ARG A 236 -19.08 -3.34 8.82
N GLY A 237 -18.86 -4.30 9.68
CA GLY A 237 -19.07 -5.69 9.45
C GLY A 237 -20.33 -6.03 8.71
N PRO A 238 -21.48 -5.59 9.21
CA PRO A 238 -22.79 -5.99 8.70
C PRO A 238 -23.12 -5.42 7.38
N LEU A 239 -22.25 -4.57 6.84
CA LEU A 239 -22.53 -4.10 5.48
C LEU A 239 -22.48 -5.24 4.49
N VAL A 240 -21.63 -6.25 4.84
CA VAL A 240 -21.33 -7.30 3.89
C VAL A 240 -21.87 -8.65 4.37
N ASP A 241 -22.52 -9.36 3.48
CA ASP A 241 -22.95 -10.74 3.77
C ASP A 241 -21.71 -11.58 3.50
N THR A 242 -20.97 -12.01 4.49
CA THR A 242 -19.72 -12.74 4.18
C THR A 242 -19.92 -13.96 3.31
N ASP A 243 -20.96 -14.76 3.55
CA ASP A 243 -21.19 -15.95 2.74
C ASP A 243 -21.40 -15.59 1.28
N ALA A 244 -22.03 -14.45 0.99
CA ALA A 244 -22.16 -14.11 -0.44
C ALA A 244 -20.81 -13.70 -1.01
N VAL A 245 -19.96 -13.08 -0.16
CA VAL A 245 -18.63 -12.70 -0.78
C VAL A 245 -17.83 -13.96 -1.02
N ILE A 246 -17.92 -14.88 -0.05
CA ILE A 246 -17.25 -16.20 -0.24
C ILE A 246 -17.75 -16.90 -1.49
N ARG A 247 -19.03 -16.87 -1.78
CA ARG A 247 -19.62 -17.38 -3.03
C ARG A 247 -19.04 -16.65 -4.21
N GLY A 248 -19.04 -15.31 -4.07
CA GLY A 248 -18.44 -14.51 -5.19
C GLY A 248 -16.99 -14.93 -5.40
N LEU A 249 -16.22 -15.10 -4.33
CA LEU A 249 -14.82 -15.44 -4.47
C LEU A 249 -14.68 -16.82 -5.12
N ASP A 250 -15.57 -17.72 -4.65
CA ASP A 250 -15.51 -19.12 -5.13
C ASP A 250 -15.90 -19.23 -6.60
N SER A 251 -16.81 -18.44 -7.09
CA SER A 251 -17.18 -18.57 -8.52
C SER A 251 -16.22 -17.85 -9.43
N GLY A 252 -15.25 -17.15 -8.80
CA GLY A 252 -14.26 -16.40 -9.55
C GLY A 252 -14.77 -15.07 -10.03
N LYS A 253 -15.92 -14.60 -9.56
CA LYS A 253 -16.44 -13.30 -9.99
C LYS A 253 -15.78 -12.16 -9.24
N ILE A 254 -15.62 -12.33 -7.90
CA ILE A 254 -14.96 -11.43 -7.04
C ILE A 254 -13.44 -11.67 -7.12
N PHE A 255 -12.68 -10.70 -7.56
CA PHE A 255 -11.24 -10.86 -7.68
C PHE A 255 -10.61 -11.01 -6.30
N GLY A 256 -11.05 -10.19 -5.37
CA GLY A 256 -10.50 -10.21 -4.04
C GLY A 256 -11.36 -9.37 -3.10
N TYR A 257 -11.12 -9.59 -1.83
CA TYR A 257 -11.87 -8.93 -0.79
C TYR A 257 -10.88 -8.44 0.30
N ALA A 258 -11.03 -7.18 0.65
CA ALA A 258 -10.26 -6.61 1.75
C ALA A 258 -11.27 -6.25 2.84
N MET A 259 -11.12 -6.79 4.03
CA MET A 259 -12.04 -6.46 5.10
C MET A 259 -11.25 -6.12 6.34
N ASP A 260 -11.62 -5.04 6.98
CA ASP A 260 -11.03 -4.64 8.23
C ASP A 260 -12.01 -4.89 9.35
N VAL A 261 -13.21 -5.24 8.93
CA VAL A 261 -14.34 -5.44 9.79
C VAL A 261 -15.13 -6.65 9.31
N TYR A 262 -15.81 -7.28 10.23
CA TYR A 262 -16.50 -8.53 9.96
C TYR A 262 -17.77 -8.67 10.78
N GLU A 263 -18.83 -9.13 10.18
CA GLU A 263 -20.11 -9.24 10.93
C GLU A 263 -19.98 -10.16 12.13
N GLY A 264 -19.04 -11.08 12.26
CA GLY A 264 -18.90 -11.79 13.53
C GLY A 264 -17.63 -11.43 14.27
N GLU A 265 -17.15 -10.17 14.19
CA GLU A 265 -15.89 -9.85 14.88
C GLU A 265 -16.00 -9.75 16.39
N VAL A 266 -17.14 -9.33 16.93
CA VAL A 266 -17.22 -9.09 18.38
C VAL A 266 -16.91 -10.36 19.14
N GLY A 267 -15.85 -10.38 19.90
CA GLY A 267 -15.47 -11.55 20.68
C GLY A 267 -14.39 -12.36 19.99
N ILE A 268 -14.10 -12.01 18.73
CA ILE A 268 -13.11 -12.68 17.94
C ILE A 268 -11.91 -11.73 17.72
N PHE A 269 -12.20 -10.63 17.07
CA PHE A 269 -11.24 -9.55 16.91
C PHE A 269 -10.81 -9.08 18.32
N ASN A 270 -9.55 -8.69 18.39
CA ASN A 270 -8.91 -8.14 19.53
C ASN A 270 -8.68 -9.19 20.61
N GLU A 271 -8.47 -10.42 20.15
CA GLU A 271 -8.11 -11.50 21.03
C GLU A 271 -6.96 -12.27 20.40
N ASP A 272 -6.05 -12.77 21.22
CA ASP A 272 -5.00 -13.65 20.73
C ASP A 272 -5.56 -15.08 20.72
N TRP A 273 -5.76 -15.64 19.52
CA TRP A 273 -6.26 -17.03 19.48
C TRP A 273 -5.12 -17.99 19.11
N GLU A 274 -3.89 -17.50 19.23
CA GLU A 274 -2.75 -18.37 18.93
C GLU A 274 -2.71 -19.53 19.95
N GLY A 275 -2.36 -20.70 19.45
CA GLY A 275 -2.30 -21.93 20.21
C GLY A 275 -3.65 -22.31 20.79
N LYS A 276 -4.72 -21.73 20.25
CA LYS A 276 -6.05 -22.04 20.79
C LYS A 276 -6.99 -22.43 19.66
N GLU A 277 -8.18 -22.92 20.04
CA GLU A 277 -9.14 -23.29 19.01
C GLU A 277 -9.80 -22.02 18.47
N PHE A 278 -9.49 -21.68 17.23
CA PHE A 278 -10.10 -20.48 16.63
C PHE A 278 -11.61 -20.69 16.61
N PRO A 279 -12.36 -19.74 17.10
CA PRO A 279 -13.78 -19.82 17.27
C PRO A 279 -14.65 -19.78 16.03
N ASP A 280 -14.17 -19.27 14.92
CA ASP A 280 -14.94 -19.01 13.73
C ASP A 280 -14.23 -19.53 12.47
N ALA A 281 -14.66 -20.71 12.04
CA ALA A 281 -14.08 -21.43 10.92
C ALA A 281 -14.14 -20.59 9.66
N ARG A 282 -15.23 -19.88 9.48
CA ARG A 282 -15.41 -19.06 8.29
C ARG A 282 -14.36 -17.93 8.25
N LEU A 283 -14.09 -17.33 9.43
CA LEU A 283 -13.11 -16.25 9.44
C LEU A 283 -11.70 -16.79 9.20
N ALA A 284 -11.41 -17.95 9.82
CA ALA A 284 -10.13 -18.59 9.67
C ALA A 284 -9.86 -18.88 8.17
N ASP A 285 -10.93 -19.24 7.49
CA ASP A 285 -10.79 -19.55 6.08
C ASP A 285 -10.45 -18.29 5.28
N LEU A 286 -11.16 -17.21 5.55
CA LEU A 286 -10.95 -15.95 4.88
C LEU A 286 -9.52 -15.44 5.04
N ILE A 287 -9.01 -15.56 6.29
CA ILE A 287 -7.69 -15.13 6.65
C ILE A 287 -6.63 -15.80 5.79
N ALA A 288 -6.81 -17.09 5.51
CA ALA A 288 -5.85 -17.81 4.68
C ALA A 288 -6.00 -17.63 3.19
N ARG A 289 -7.11 -17.19 2.64
CA ARG A 289 -7.16 -17.07 1.15
C ARG A 289 -6.13 -16.12 0.64
N PRO A 290 -5.59 -16.36 -0.53
CA PRO A 290 -4.58 -15.55 -1.15
C PRO A 290 -5.11 -14.24 -1.67
N ASN A 291 -6.41 -14.19 -1.88
CA ASN A 291 -6.99 -12.98 -2.47
C ASN A 291 -7.90 -12.31 -1.46
N VAL A 292 -7.72 -12.54 -0.18
CA VAL A 292 -8.46 -11.85 0.85
C VAL A 292 -7.51 -11.28 1.90
N LEU A 293 -7.78 -10.04 2.30
CA LEU A 293 -6.99 -9.42 3.33
C LEU A 293 -7.83 -9.11 4.55
N VAL A 294 -7.55 -9.74 5.63
CA VAL A 294 -8.23 -9.56 6.88
C VAL A 294 -7.33 -8.77 7.85
N THR A 295 -7.82 -7.71 8.39
CA THR A 295 -7.15 -6.92 9.43
C THR A 295 -8.22 -6.81 10.53
N PRO A 296 -7.81 -6.91 11.77
CA PRO A 296 -8.72 -6.97 12.89
C PRO A 296 -9.19 -5.60 13.37
N HIS A 297 -9.92 -4.89 12.53
CA HIS A 297 -10.50 -3.61 12.88
C HIS A 297 -9.42 -2.61 13.30
N THR A 298 -8.43 -2.50 12.40
CA THR A 298 -7.24 -1.73 12.63
C THR A 298 -7.14 -0.47 11.82
N ALA A 299 -8.14 -0.18 11.00
CA ALA A 299 -8.08 0.94 10.09
C ALA A 299 -7.84 2.29 10.84
N PHE A 300 -8.37 2.43 12.03
CA PHE A 300 -8.21 3.63 12.81
C PHE A 300 -6.82 3.72 13.42
N TYR A 301 -6.13 2.57 13.51
CA TYR A 301 -4.95 2.52 14.35
C TYR A 301 -3.68 3.11 13.76
N THR A 302 -3.57 4.43 13.90
CA THR A 302 -2.36 5.15 13.52
C THR A 302 -1.94 6.19 14.60
N THR A 303 -0.66 6.57 14.56
CA THR A 303 -0.12 7.48 15.55
C THR A 303 -0.93 8.78 15.53
N HIS A 304 -1.32 9.20 14.34
CA HIS A 304 -2.15 10.37 14.16
C HIS A 304 -3.52 10.21 14.82
N ALA A 305 -4.27 9.16 14.53
CA ALA A 305 -5.57 8.93 15.11
C ALA A 305 -5.47 8.83 16.63
N VAL A 306 -4.55 7.98 17.08
CA VAL A 306 -4.40 7.72 18.48
C VAL A 306 -4.02 9.05 19.20
N ARG A 307 -3.28 9.88 18.48
CA ARG A 307 -2.90 11.14 19.08
C ARG A 307 -4.19 11.93 19.39
N ASN A 308 -4.99 12.12 18.37
CA ASN A 308 -6.23 12.86 18.46
C ASN A 308 -7.23 12.22 19.41
N MET A 309 -7.19 10.90 19.58
CA MET A 309 -8.11 10.23 20.46
C MET A 309 -7.80 10.64 21.90
N VAL A 310 -6.52 10.61 22.24
CA VAL A 310 -6.04 10.90 23.58
C VAL A 310 -6.28 12.39 23.87
N VAL A 311 -5.53 13.20 23.13
CA VAL A 311 -5.62 14.65 23.34
C VAL A 311 -7.05 15.13 23.41
N LYS A 312 -7.91 14.83 22.47
CA LYS A 312 -9.25 15.37 22.40
C LYS A 312 -10.18 14.87 23.51
N ALA A 313 -9.90 13.64 23.95
CA ALA A 313 -10.66 13.09 25.06
C ALA A 313 -10.30 13.93 26.31
N PHE A 314 -8.99 14.18 26.46
CA PHE A 314 -8.55 14.93 27.64
C PHE A 314 -8.98 16.39 27.50
N ASP A 315 -9.04 16.94 26.31
CA ASP A 315 -9.53 18.32 26.17
C ASP A 315 -11.00 18.39 26.55
N ASN A 316 -11.79 17.42 26.18
CA ASN A 316 -13.22 17.40 26.48
C ASN A 316 -13.43 17.20 27.96
N ASN A 317 -12.66 16.26 28.55
CA ASN A 317 -12.85 16.05 29.99
C ASN A 317 -12.54 17.38 30.71
N LEU A 318 -11.38 17.98 30.46
CA LEU A 318 -11.03 19.22 31.15
C LEU A 318 -12.13 20.28 30.98
N GLU A 319 -12.69 20.36 29.79
CA GLU A 319 -13.77 21.29 29.49
C GLU A 319 -15.03 20.99 30.30
N LEU A 320 -15.36 19.71 30.47
CA LEU A 320 -16.51 19.35 31.29
C LEU A 320 -16.24 19.82 32.73
N VAL A 321 -15.09 19.42 33.25
CA VAL A 321 -14.66 19.74 34.58
C VAL A 321 -14.55 21.23 34.86
N GLU A 322 -14.28 22.06 33.85
CA GLU A 322 -14.08 23.49 34.09
C GLU A 322 -15.33 24.27 33.74
N GLY A 323 -16.45 23.57 33.58
CA GLY A 323 -17.68 24.25 33.22
C GLY A 323 -17.44 25.06 31.95
N LYS A 324 -16.89 24.37 30.95
CA LYS A 324 -16.75 25.03 29.63
C LYS A 324 -17.60 24.26 28.63
N GLU A 325 -17.92 24.92 27.51
CA GLU A 325 -18.72 24.20 26.49
C GLU A 325 -17.84 23.06 25.98
N ALA A 326 -18.32 21.82 26.11
CA ALA A 326 -17.50 20.69 25.64
C ALA A 326 -17.42 20.70 24.11
N GLU A 327 -16.23 20.36 23.60
CA GLU A 327 -16.07 20.33 22.14
C GLU A 327 -16.90 19.24 21.49
N THR A 328 -16.98 18.08 22.12
CA THR A 328 -17.71 16.97 21.46
C THR A 328 -18.49 16.15 22.45
N PRO A 329 -19.52 16.78 23.03
CA PRO A 329 -20.42 16.19 23.96
C PRO A 329 -21.35 15.19 23.28
N VAL A 330 -21.74 14.17 24.03
CA VAL A 330 -22.68 13.18 23.49
C VAL A 330 -24.11 13.56 23.89
N LYS A 331 -24.98 13.67 22.90
CA LYS A 331 -26.40 13.93 23.20
C LYS A 331 -26.89 12.81 24.11
N VAL A 332 -27.15 13.06 25.38
CA VAL A 332 -27.55 11.91 26.21
C VAL A 332 -29.05 11.63 26.02
N MET B 1 9.67 -13.15 -44.92
CA MET B 1 10.58 -13.28 -43.76
C MET B 1 11.06 -11.95 -43.22
N THR B 2 10.39 -10.83 -43.53
CA THR B 2 10.71 -9.65 -42.70
C THR B 2 10.56 -10.31 -41.31
N LYS B 3 11.65 -10.73 -40.71
CA LYS B 3 11.56 -11.55 -39.51
C LYS B 3 12.05 -10.89 -38.23
N ILE B 4 11.28 -11.13 -37.18
CA ILE B 4 11.62 -10.67 -35.84
C ILE B 4 11.65 -11.89 -34.91
N PHE B 5 12.79 -12.02 -34.19
CA PHE B 5 12.91 -13.14 -33.24
C PHE B 5 12.95 -12.61 -31.82
N ALA B 6 12.02 -13.12 -30.99
CA ALA B 6 11.87 -12.61 -29.64
C ALA B 6 12.32 -13.60 -28.56
N TYR B 7 13.09 -13.07 -27.60
CA TYR B 7 13.54 -13.90 -26.48
C TYR B 7 12.76 -13.70 -25.18
N ALA B 8 12.90 -14.71 -24.31
CA ALA B 8 12.36 -14.74 -22.99
C ALA B 8 10.88 -14.40 -22.97
N ILE B 9 10.16 -14.84 -23.99
CA ILE B 9 8.74 -14.56 -24.08
C ILE B 9 8.08 -15.41 -23.00
N ARG B 10 7.11 -14.83 -22.29
CA ARG B 10 6.41 -15.55 -21.24
C ARG B 10 4.97 -15.81 -21.68
N GLU B 11 4.31 -16.73 -21.04
CA GLU B 11 2.92 -16.97 -21.31
C GLU B 11 2.17 -15.62 -21.29
N ASP B 12 2.45 -14.79 -20.29
CA ASP B 12 1.56 -13.62 -20.13
C ASP B 12 1.83 -12.60 -21.22
N GLU B 13 2.89 -12.76 -22.00
CA GLU B 13 3.19 -11.83 -23.08
C GLU B 13 2.46 -12.23 -24.39
N LYS B 14 2.31 -13.51 -24.58
CA LYS B 14 1.74 -14.06 -25.82
C LYS B 14 0.50 -13.37 -26.35
N PRO B 15 -0.50 -13.09 -25.57
CA PRO B 15 -1.69 -12.39 -25.99
C PRO B 15 -1.37 -11.08 -26.68
N PHE B 16 -0.35 -10.41 -26.16
CA PHE B 16 0.03 -9.10 -26.68
C PHE B 16 0.80 -9.30 -27.97
N LEU B 17 1.60 -10.34 -27.99
CA LEU B 17 2.39 -10.69 -29.15
C LEU B 17 1.45 -10.99 -30.34
N LYS B 18 0.37 -11.75 -30.08
CA LYS B 18 -0.53 -12.03 -31.22
C LYS B 18 -1.23 -10.74 -31.63
N GLU B 19 -1.67 -9.90 -30.69
CA GLU B 19 -2.27 -8.63 -31.11
C GLU B 19 -1.33 -7.88 -32.05
N TRP B 20 -0.02 -8.00 -31.78
CA TRP B 20 0.91 -7.24 -32.61
C TRP B 20 1.02 -7.88 -33.99
N GLU B 21 1.09 -9.21 -33.99
CA GLU B 21 1.23 -9.96 -35.22
C GLU B 21 -0.01 -9.74 -36.13
N ASP B 22 -1.19 -9.78 -35.53
CA ASP B 22 -2.44 -9.55 -36.22
C ASP B 22 -2.53 -8.16 -36.83
N ALA B 23 -1.65 -7.25 -36.43
CA ALA B 23 -1.68 -5.92 -37.06
C ALA B 23 -0.49 -5.76 -38.02
N HIS B 24 0.31 -6.82 -38.14
CA HIS B 24 1.50 -6.81 -38.96
C HIS B 24 1.73 -8.20 -39.56
N LYS B 25 0.70 -8.64 -40.28
CA LYS B 25 0.63 -9.92 -40.94
C LYS B 25 1.79 -10.13 -41.91
N ASP B 26 2.28 -9.04 -42.47
CA ASP B 26 3.43 -9.12 -43.39
C ASP B 26 4.75 -9.30 -42.67
N VAL B 27 4.76 -9.44 -41.36
CA VAL B 27 6.00 -9.68 -40.62
C VAL B 27 5.99 -11.07 -39.99
N GLU B 28 7.08 -11.80 -40.11
CA GLU B 28 7.19 -13.11 -39.48
C GLU B 28 7.79 -12.96 -38.07
N VAL B 29 7.13 -13.54 -37.07
CA VAL B 29 7.59 -13.47 -35.70
C VAL B 29 7.81 -14.88 -35.14
N GLU B 30 9.00 -15.07 -34.59
CA GLU B 30 9.34 -16.30 -33.89
C GLU B 30 9.85 -15.90 -32.49
N TYR B 31 9.67 -16.81 -31.54
CA TYR B 31 10.10 -16.48 -30.20
C TYR B 31 10.54 -17.77 -29.48
N THR B 32 11.25 -17.52 -28.39
CA THR B 32 11.68 -18.50 -27.43
C THR B 32 11.48 -17.94 -26.01
N ASP B 33 11.21 -18.84 -25.09
CA ASP B 33 11.08 -18.47 -23.68
C ASP B 33 12.50 -18.30 -23.11
N LYS B 34 13.47 -18.99 -23.72
CA LYS B 34 14.85 -18.90 -23.24
C LYS B 34 15.41 -17.47 -23.27
N LEU B 35 16.48 -17.28 -22.48
CA LEU B 35 17.17 -16.04 -22.37
C LEU B 35 18.18 -15.88 -23.53
N LEU B 36 18.55 -14.68 -23.86
CA LEU B 36 19.54 -14.39 -24.85
C LEU B 36 20.94 -14.51 -24.25
N THR B 37 21.64 -15.54 -24.62
CA THR B 37 23.02 -15.80 -24.31
C THR B 37 23.77 -16.12 -25.62
N PRO B 38 25.05 -16.28 -25.53
CA PRO B 38 25.88 -16.66 -26.65
C PRO B 38 25.37 -17.93 -27.30
N GLU B 39 24.93 -18.90 -26.53
CA GLU B 39 24.44 -20.17 -27.04
C GLU B 39 22.99 -20.15 -27.52
N THR B 40 22.24 -19.09 -27.38
CA THR B 40 20.84 -19.07 -27.81
C THR B 40 20.69 -18.05 -28.93
N VAL B 41 21.82 -17.34 -29.09
CA VAL B 41 21.94 -16.30 -30.12
C VAL B 41 21.65 -16.91 -31.48
N ALA B 42 22.17 -18.13 -31.69
CA ALA B 42 21.97 -18.88 -32.90
C ALA B 42 20.51 -18.99 -33.30
N LEU B 43 19.58 -18.98 -32.33
CA LEU B 43 18.18 -19.15 -32.73
C LEU B 43 17.70 -17.92 -33.49
N ALA B 44 18.39 -16.81 -33.43
CA ALA B 44 17.91 -15.61 -34.13
C ALA B 44 18.19 -15.75 -35.63
N LYS B 45 19.24 -16.48 -35.96
CA LYS B 45 19.61 -16.74 -37.35
C LYS B 45 18.40 -16.72 -38.30
N GLY B 46 18.45 -15.84 -39.29
CA GLY B 46 17.31 -15.75 -40.22
C GLY B 46 16.52 -14.49 -39.92
N ALA B 47 16.40 -14.11 -38.65
CA ALA B 47 15.66 -12.91 -38.30
C ALA B 47 16.41 -11.66 -38.77
N ASP B 48 15.69 -10.55 -38.84
CA ASP B 48 16.21 -9.26 -39.23
C ASP B 48 16.44 -8.37 -38.03
N GLY B 49 15.82 -8.73 -36.89
CA GLY B 49 15.99 -7.98 -35.66
C GLY B 49 15.74 -8.88 -34.46
N VAL B 50 15.97 -8.34 -33.27
CA VAL B 50 15.76 -9.18 -32.05
C VAL B 50 15.06 -8.40 -30.98
N VAL B 51 14.12 -9.06 -30.29
CA VAL B 51 13.35 -8.40 -29.22
C VAL B 51 13.65 -9.15 -27.92
N VAL B 52 14.17 -8.37 -26.97
CA VAL B 52 14.68 -9.03 -25.76
C VAL B 52 14.19 -8.43 -24.49
N TYR B 53 14.35 -9.12 -23.38
CA TYR B 53 14.00 -8.67 -22.04
C TYR B 53 14.68 -9.60 -21.04
N GLN B 54 15.64 -9.08 -20.29
CA GLN B 54 16.32 -9.93 -19.29
C GLN B 54 17.19 -9.05 -18.40
N GLN B 55 17.37 -9.49 -17.16
CA GLN B 55 18.29 -8.80 -16.26
C GLN B 55 19.68 -9.43 -16.48
N LEU B 56 19.69 -10.66 -16.97
CA LEU B 56 21.00 -11.27 -17.29
C LEU B 56 21.72 -10.39 -18.28
N ASP B 57 22.99 -10.09 -18.06
CA ASP B 57 23.74 -9.17 -18.89
C ASP B 57 23.78 -9.53 -20.37
N TYR B 58 23.73 -8.51 -21.20
CA TYR B 58 23.94 -8.74 -22.65
C TYR B 58 25.46 -8.57 -22.84
N ILE B 59 26.20 -9.63 -22.67
CA ILE B 59 27.66 -9.56 -22.70
C ILE B 59 28.23 -9.27 -24.08
N ALA B 60 29.53 -8.98 -24.11
CA ALA B 60 30.22 -8.74 -25.39
C ALA B 60 30.12 -10.00 -26.20
N GLU B 61 30.26 -11.15 -25.53
CA GLU B 61 30.14 -12.43 -26.21
C GLU B 61 28.74 -12.67 -26.76
N THR B 62 27.70 -12.29 -26.01
CA THR B 62 26.33 -12.46 -26.52
C THR B 62 26.14 -11.54 -27.73
N LEU B 63 26.63 -10.31 -27.61
CA LEU B 63 26.49 -9.33 -28.68
C LEU B 63 27.26 -9.79 -29.92
N GLN B 64 28.48 -10.25 -29.72
CA GLN B 64 29.27 -10.78 -30.83
C GLN B 64 28.50 -11.89 -31.55
N ALA B 65 28.02 -12.83 -30.73
CA ALA B 65 27.26 -13.97 -31.26
C ALA B 65 26.01 -13.53 -32.00
N LEU B 66 25.39 -12.43 -31.59
CA LEU B 66 24.17 -11.98 -32.29
C LEU B 66 24.55 -11.61 -33.74
N ALA B 67 25.57 -10.76 -33.81
CA ALA B 67 26.10 -10.29 -35.07
C ALA B 67 26.52 -11.49 -35.92
N ASP B 68 27.37 -12.35 -35.36
CA ASP B 68 27.83 -13.54 -36.06
C ASP B 68 26.66 -14.42 -36.45
N ASN B 69 25.52 -13.81 -36.64
CA ASN B 69 24.28 -14.53 -36.94
C ASN B 69 23.36 -13.57 -37.69
N GLY B 70 23.95 -12.40 -38.00
CA GLY B 70 23.35 -11.36 -38.77
C GLY B 70 22.60 -10.27 -38.05
N ILE B 71 22.55 -10.33 -36.72
CA ILE B 71 21.76 -9.36 -35.97
C ILE B 71 22.55 -8.17 -35.45
N THR B 72 22.06 -6.98 -35.78
CA THR B 72 22.62 -5.77 -35.21
C THR B 72 21.49 -4.85 -34.75
N LYS B 73 20.28 -5.39 -34.75
CA LYS B 73 19.11 -4.64 -34.28
C LYS B 73 18.45 -5.40 -33.11
N MET B 74 18.39 -4.66 -32.00
CA MET B 74 17.99 -5.10 -30.70
C MET B 74 17.06 -4.11 -30.02
N SER B 75 15.88 -4.66 -29.72
CA SER B 75 14.84 -3.90 -29.06
C SER B 75 14.52 -4.61 -27.74
N LEU B 76 14.82 -3.92 -26.65
CA LEU B 76 14.51 -4.43 -25.33
C LEU B 76 13.03 -4.05 -25.06
N ARG B 77 12.38 -4.85 -24.27
CA ARG B 77 10.97 -4.63 -23.94
C ARG B 77 10.85 -3.76 -22.69
N ASN B 78 12.04 -3.36 -22.16
CA ASN B 78 12.06 -2.69 -20.86
C ASN B 78 12.82 -1.38 -20.87
N VAL B 79 12.95 -0.72 -19.73
CA VAL B 79 13.55 0.61 -19.69
C VAL B 79 15.07 0.67 -19.60
N GLY B 80 15.62 0.01 -18.60
CA GLY B 80 17.01 -0.02 -18.27
C GLY B 80 17.95 -0.61 -19.29
N VAL B 81 19.10 0.09 -19.45
CA VAL B 81 20.12 -0.35 -20.40
C VAL B 81 21.41 -0.65 -19.68
N ASP B 82 21.36 -0.61 -18.35
CA ASP B 82 22.56 -0.77 -17.55
C ASP B 82 23.25 -2.12 -17.67
N ASN B 83 22.66 -3.16 -18.22
CA ASN B 83 23.30 -4.46 -18.34
C ASN B 83 23.71 -4.78 -19.78
N ILE B 84 23.82 -3.77 -20.63
CA ILE B 84 24.28 -4.02 -22.00
C ILE B 84 25.76 -3.63 -22.15
N ASP B 85 26.57 -4.44 -22.81
CA ASP B 85 27.97 -3.97 -23.04
C ASP B 85 27.94 -2.95 -24.17
N MET B 86 27.75 -1.70 -23.82
CA MET B 86 27.67 -0.63 -24.83
C MET B 86 28.93 -0.59 -25.67
N ALA B 87 30.12 -0.65 -25.08
CA ALA B 87 31.35 -0.58 -25.88
C ALA B 87 31.36 -1.65 -26.97
N LYS B 88 30.95 -2.87 -26.63
CA LYS B 88 30.89 -3.94 -27.63
C LYS B 88 29.79 -3.66 -28.65
N ALA B 89 28.64 -3.18 -28.17
CA ALA B 89 27.51 -2.90 -29.04
C ALA B 89 27.84 -1.86 -30.11
N LYS B 90 28.60 -0.84 -29.70
CA LYS B 90 28.97 0.25 -30.60
C LYS B 90 29.98 -0.28 -31.63
N GLU B 91 31.00 -0.96 -31.14
CA GLU B 91 31.97 -1.58 -32.03
C GLU B 91 31.27 -2.27 -33.20
N LEU B 92 30.15 -2.92 -32.91
CA LEU B 92 29.45 -3.70 -33.92
C LEU B 92 28.33 -2.98 -34.63
N GLY B 93 28.22 -1.67 -34.43
CA GLY B 93 27.17 -0.88 -35.08
C GLY B 93 25.78 -1.36 -34.70
N PHE B 94 25.62 -1.89 -33.48
CA PHE B 94 24.31 -2.33 -33.03
C PHE B 94 23.33 -1.16 -33.03
N GLN B 95 22.08 -1.43 -33.35
CA GLN B 95 21.02 -0.46 -33.20
C GLN B 95 20.12 -1.03 -32.06
N ILE B 96 19.86 -0.16 -31.09
CA ILE B 96 19.16 -0.58 -29.88
C ILE B 96 18.06 0.39 -29.50
N THR B 97 16.92 -0.19 -29.16
CA THR B 97 15.79 0.56 -28.67
C THR B 97 15.35 -0.03 -27.32
N ASN B 98 14.56 0.71 -26.58
CA ASN B 98 13.97 0.25 -25.35
C ASN B 98 12.54 0.77 -25.29
N VAL B 99 11.83 0.50 -24.20
CA VAL B 99 10.46 0.94 -24.04
C VAL B 99 10.48 1.79 -22.77
N PRO B 100 10.86 3.02 -22.92
CA PRO B 100 11.12 3.94 -21.86
C PRO B 100 9.90 4.13 -20.98
N VAL B 101 8.71 4.06 -21.61
CA VAL B 101 7.49 4.38 -20.89
C VAL B 101 6.43 3.33 -21.00
N TYR B 102 6.71 2.08 -20.74
CA TYR B 102 5.65 1.04 -20.92
C TYR B 102 4.56 1.30 -19.90
N SER B 103 4.95 1.81 -18.72
CA SER B 103 3.97 2.16 -17.70
C SER B 103 4.65 2.70 -16.46
N PRO B 104 4.99 3.96 -16.42
CA PRO B 104 5.63 4.49 -15.21
C PRO B 104 4.79 4.22 -13.99
N ASN B 105 3.44 4.11 -14.17
CA ASN B 105 2.55 3.89 -13.05
C ASN B 105 2.76 2.54 -12.36
N ALA B 106 2.96 1.50 -13.10
CA ALA B 106 3.14 0.19 -12.51
C ALA B 106 4.18 0.22 -11.38
N ILE B 107 5.34 0.82 -11.72
CA ILE B 107 6.47 0.86 -10.79
C ILE B 107 6.23 1.86 -9.71
N ALA B 108 5.62 2.98 -10.15
CA ALA B 108 5.32 4.04 -9.16
C ALA B 108 4.32 3.56 -8.13
N GLU B 109 3.29 2.86 -8.69
CA GLU B 109 2.25 2.35 -7.72
C GLU B 109 2.84 1.30 -6.77
N HIS B 110 3.69 0.45 -7.29
CA HIS B 110 4.36 -0.55 -6.46
C HIS B 110 5.13 0.11 -5.31
N ALA B 111 5.89 1.16 -5.63
CA ALA B 111 6.70 1.86 -4.69
C ALA B 111 5.85 2.47 -3.60
N ALA B 112 4.76 3.12 -4.01
CA ALA B 112 3.87 3.81 -3.10
C ALA B 112 3.20 2.86 -2.15
N ILE B 113 2.71 1.75 -2.69
CA ILE B 113 2.07 0.72 -1.93
C ILE B 113 3.02 0.05 -0.96
N GLN B 114 4.27 -0.27 -1.39
CA GLN B 114 5.21 -0.88 -0.45
C GLN B 114 5.59 0.09 0.65
N ALA B 115 5.82 1.37 0.30
CA ALA B 115 6.12 2.39 1.27
C ALA B 115 5.01 2.52 2.28
N ALA B 116 3.77 2.53 1.78
CA ALA B 116 2.61 2.65 2.69
C ALA B 116 2.50 1.48 3.59
N ARG B 117 2.78 0.28 3.06
CA ARG B 117 2.71 -0.96 3.88
C ARG B 117 3.68 -0.96 5.04
N ILE B 118 4.91 -0.49 4.70
CA ILE B 118 5.95 -0.41 5.69
C ILE B 118 5.57 0.63 6.75
N LEU B 119 5.17 1.81 6.28
CA LEU B 119 4.66 2.81 7.24
C LEU B 119 3.56 2.22 8.10
N ARG B 120 2.73 1.32 7.49
CA ARG B 120 1.65 0.79 8.32
C ARG B 120 2.07 -0.37 9.18
N GLN B 121 3.26 -0.95 8.99
CA GLN B 121 3.63 -2.18 9.73
C GLN B 121 2.65 -3.30 9.30
N ASP B 122 2.23 -3.26 8.06
CA ASP B 122 1.25 -4.24 7.54
C ASP B 122 1.80 -5.66 7.59
N LYS B 123 3.10 -5.82 7.37
CA LYS B 123 3.68 -7.17 7.41
C LYS B 123 3.61 -7.75 8.81
N ALA B 124 3.99 -7.00 9.82
CA ALA B 124 3.89 -7.47 11.18
C ALA B 124 2.45 -7.81 11.49
N MET B 125 1.54 -6.94 10.96
CA MET B 125 0.12 -7.15 11.24
C MET B 125 -0.33 -8.45 10.60
N ASP B 126 -0.07 -8.65 9.32
CA ASP B 126 -0.44 -9.82 8.57
C ASP B 126 0.09 -11.09 9.19
N GLU B 127 1.35 -11.03 9.67
CA GLU B 127 1.91 -12.27 10.29
C GLU B 127 1.19 -12.59 11.55
N LYS B 128 0.70 -11.61 12.36
CA LYS B 128 0.03 -12.09 13.60
C LYS B 128 -1.40 -12.52 13.28
N VAL B 129 -2.02 -11.87 12.28
CA VAL B 129 -3.34 -12.30 11.86
C VAL B 129 -3.28 -13.74 11.30
N ALA B 130 -2.26 -14.10 10.55
CA ALA B 130 -2.11 -15.45 10.03
C ALA B 130 -1.90 -16.43 11.20
N ARG B 131 -1.20 -16.04 12.24
CA ARG B 131 -1.08 -16.81 13.46
C ARG B 131 -2.38 -16.78 14.24
N HIS B 132 -3.33 -15.91 13.93
CA HIS B 132 -4.56 -15.85 14.68
C HIS B 132 -4.44 -14.99 15.96
N ASP B 133 -3.45 -14.12 15.98
CA ASP B 133 -3.34 -13.09 17.02
C ASP B 133 -4.12 -11.89 16.47
N LEU B 134 -5.37 -11.74 16.85
CA LEU B 134 -6.15 -10.63 16.23
C LEU B 134 -6.09 -9.36 17.07
N ARG B 135 -5.03 -9.24 17.89
CA ARG B 135 -4.86 -7.97 18.61
C ARG B 135 -4.22 -6.92 17.71
N TRP B 136 -4.84 -5.75 17.53
CA TRP B 136 -4.14 -4.73 16.72
C TRP B 136 -2.92 -4.19 17.46
N ALA B 137 -3.12 -3.74 18.70
CA ALA B 137 -2.00 -3.24 19.50
C ALA B 137 -0.96 -4.33 19.60
N PRO B 138 0.29 -3.99 19.67
CA PRO B 138 0.82 -2.66 19.64
C PRO B 138 1.25 -2.19 18.28
N THR B 139 0.82 -2.91 17.27
CA THR B 139 1.23 -2.72 15.87
C THR B 139 0.69 -1.48 15.26
N ILE B 140 1.05 -0.32 15.83
CA ILE B 140 0.42 0.94 15.32
C ILE B 140 0.94 1.36 13.98
N GLY B 141 0.19 2.03 13.12
CA GLY B 141 0.65 2.48 11.87
C GLY B 141 1.11 3.94 11.77
N ARG B 142 1.74 4.27 10.66
CA ARG B 142 2.09 5.65 10.37
C ARG B 142 1.34 6.05 9.11
N GLU B 143 0.57 7.14 9.15
CA GLU B 143 -0.17 7.53 7.96
C GLU B 143 0.77 8.04 6.89
N VAL B 144 0.39 7.86 5.63
CA VAL B 144 1.18 8.43 4.56
C VAL B 144 1.10 9.97 4.58
N ARG B 145 -0.08 10.53 4.89
CA ARG B 145 -0.16 11.99 4.91
C ARG B 145 0.73 12.60 5.98
N ASP B 146 1.16 11.92 7.04
CA ASP B 146 2.00 12.53 8.03
C ASP B 146 3.47 12.57 7.61
N GLN B 147 3.79 12.13 6.40
CA GLN B 147 5.22 11.98 6.13
C GLN B 147 5.77 13.03 5.20
N VAL B 148 7.08 13.26 5.29
CA VAL B 148 7.70 14.07 4.24
C VAL B 148 8.25 13.06 3.23
N VAL B 149 7.79 13.08 1.99
CA VAL B 149 8.26 12.07 1.04
C VAL B 149 9.32 12.63 0.12
N GLY B 150 10.48 11.97 0.06
CA GLY B 150 11.57 12.51 -0.77
C GLY B 150 11.80 11.61 -1.98
N VAL B 151 11.62 12.19 -3.14
CA VAL B 151 11.69 11.50 -4.40
C VAL B 151 13.02 11.81 -5.07
N VAL B 152 13.82 10.77 -5.21
CA VAL B 152 15.13 10.93 -5.84
C VAL B 152 14.98 10.50 -7.30
N GLY B 153 14.93 11.50 -8.16
CA GLY B 153 14.78 11.21 -9.60
C GLY B 153 13.35 11.64 -9.97
N THR B 154 13.22 12.75 -10.72
CA THR B 154 11.88 13.19 -11.10
C THR B 154 11.66 12.88 -12.59
N GLY B 155 12.01 11.70 -13.01
CA GLY B 155 11.83 11.25 -14.39
C GLY B 155 10.45 10.62 -14.57
N HIS B 156 10.26 9.73 -15.51
CA HIS B 156 8.91 9.17 -15.76
C HIS B 156 8.32 8.52 -14.53
N ILE B 157 9.07 7.67 -13.81
CA ILE B 157 8.45 7.02 -12.63
C ILE B 157 8.36 7.97 -11.46
N GLY B 158 9.49 8.65 -11.16
CA GLY B 158 9.45 9.53 -9.97
C GLY B 158 8.28 10.50 -10.03
N GLN B 159 8.00 10.99 -11.23
CA GLN B 159 6.91 11.99 -11.34
C GLN B 159 5.56 11.37 -11.00
N VAL B 160 5.30 10.13 -11.44
CA VAL B 160 4.04 9.51 -11.07
C VAL B 160 4.06 9.14 -9.58
N PHE B 161 5.25 8.87 -9.04
CA PHE B 161 5.28 8.55 -7.60
C PHE B 161 4.92 9.78 -6.81
N MET B 162 5.39 10.97 -7.30
CA MET B 162 5.07 12.21 -6.62
C MET B 162 3.56 12.46 -6.61
N GLN B 163 2.95 12.29 -7.76
CA GLN B 163 1.51 12.44 -7.94
C GLN B 163 0.74 11.67 -6.87
N ILE B 164 1.06 10.35 -6.85
CA ILE B 164 0.39 9.47 -5.91
C ILE B 164 0.57 9.93 -4.49
N MET B 165 1.82 10.29 -4.13
CA MET B 165 2.08 10.62 -2.73
C MET B 165 1.34 11.90 -2.37
N GLU B 166 1.20 12.79 -3.37
CA GLU B 166 0.44 14.02 -3.11
C GLU B 166 -1.04 13.70 -2.95
N GLY B 167 -1.54 12.76 -3.72
CA GLY B 167 -2.95 12.33 -3.56
C GLY B 167 -3.18 11.93 -2.12
N PHE B 168 -2.14 11.33 -1.50
CA PHE B 168 -2.33 10.91 -0.11
C PHE B 168 -2.28 12.12 0.81
N GLY B 169 -1.81 13.28 0.30
CA GLY B 169 -1.76 14.44 1.19
C GLY B 169 -0.39 14.51 1.83
N ALA B 170 0.58 13.71 1.38
CA ALA B 170 1.89 13.83 2.02
C ALA B 170 2.59 15.08 1.45
N LYS B 171 3.48 15.63 2.23
CA LYS B 171 4.40 16.66 1.77
C LYS B 171 5.47 16.03 0.91
N VAL B 172 5.56 16.39 -0.35
CA VAL B 172 6.51 15.84 -1.28
C VAL B 172 7.65 16.80 -1.64
N ILE B 173 8.90 16.37 -1.41
CA ILE B 173 10.07 17.08 -1.87
C ILE B 173 10.82 16.22 -2.88
N THR B 174 11.72 16.83 -3.63
CA THR B 174 12.42 16.06 -4.64
C THR B 174 13.83 16.57 -4.94
N TYR B 175 14.55 15.65 -5.58
CA TYR B 175 15.89 15.83 -6.02
C TYR B 175 16.11 15.15 -7.38
N ASP B 176 16.44 15.96 -8.38
CA ASP B 176 16.83 15.39 -9.68
C ASP B 176 18.05 16.20 -10.14
N ILE B 177 18.95 15.58 -10.87
CA ILE B 177 20.12 16.38 -11.33
C ILE B 177 19.63 17.32 -12.44
N PHE B 178 18.55 16.91 -13.10
CA PHE B 178 17.90 17.64 -14.12
C PHE B 178 16.48 18.01 -13.67
N ARG B 179 16.20 19.30 -13.57
CA ARG B 179 14.91 19.73 -13.06
C ARG B 179 13.88 19.94 -14.15
N ASN B 180 12.65 19.55 -13.80
CA ASN B 180 11.49 19.70 -14.65
C ASN B 180 10.85 21.06 -14.33
N PRO B 181 10.84 21.93 -15.31
CA PRO B 181 10.29 23.26 -15.21
C PRO B 181 8.99 23.30 -14.45
N GLU B 182 8.06 22.51 -14.98
CA GLU B 182 6.69 22.46 -14.41
C GLU B 182 6.78 22.07 -12.96
N LEU B 183 7.65 21.09 -12.66
CA LEU B 183 7.85 20.68 -11.28
C LEU B 183 8.51 21.77 -10.47
N GLU B 184 9.58 22.32 -11.06
CA GLU B 184 10.36 23.34 -10.35
C GLU B 184 9.52 24.58 -10.10
N LYS B 185 8.58 24.86 -11.02
CA LYS B 185 7.71 26.02 -10.76
C LYS B 185 6.96 25.79 -9.45
N LYS B 186 6.58 24.55 -9.17
CA LYS B 186 5.84 24.27 -7.94
C LYS B 186 6.69 24.30 -6.69
N GLY B 187 8.01 24.35 -6.77
CA GLY B 187 8.88 24.38 -5.62
C GLY B 187 9.07 23.02 -4.95
N TYR B 188 8.99 21.94 -5.71
CA TYR B 188 9.19 20.60 -5.21
C TYR B 188 10.66 20.31 -4.85
N TYR B 189 11.55 20.86 -5.67
CA TYR B 189 12.97 20.54 -5.54
C TYR B 189 13.69 21.17 -4.35
N VAL B 190 14.57 20.34 -3.79
CA VAL B 190 15.48 20.77 -2.74
C VAL B 190 16.84 20.91 -3.44
N ASP B 191 17.75 21.61 -2.81
CA ASP B 191 18.99 21.99 -3.54
C ASP B 191 19.99 20.89 -3.67
N SER B 192 20.01 19.95 -2.72
CA SER B 192 20.90 18.81 -2.78
C SER B 192 20.29 17.56 -2.14
N LEU B 193 20.94 16.43 -2.41
CA LEU B 193 20.52 15.14 -1.83
C LEU B 193 20.56 15.25 -0.31
N ASP B 194 21.63 15.85 0.22
CA ASP B 194 21.78 15.99 1.66
C ASP B 194 20.57 16.70 2.25
N ASP B 195 20.00 17.62 1.46
CA ASP B 195 18.83 18.34 1.96
C ASP B 195 17.61 17.42 2.01
N LEU B 196 17.55 16.57 1.01
CA LEU B 196 16.45 15.61 0.91
C LEU B 196 16.59 14.59 2.05
N TYR B 197 17.79 14.04 2.25
CA TYR B 197 18.01 13.10 3.30
C TYR B 197 17.64 13.70 4.65
N LYS B 198 17.98 14.98 4.84
CA LYS B 198 17.72 15.58 6.15
C LYS B 198 16.23 15.70 6.43
N GLN B 199 15.42 16.04 5.45
CA GLN B 199 14.00 16.26 5.65
C GLN B 199 13.10 15.03 5.45
N ALA B 200 13.58 14.00 4.73
CA ALA B 200 12.63 12.95 4.34
C ALA B 200 12.41 11.83 5.33
N ASP B 201 11.08 11.61 5.55
CA ASP B 201 10.65 10.46 6.32
C ASP B 201 10.68 9.20 5.45
N VAL B 202 10.42 9.41 4.19
CA VAL B 202 10.26 8.34 3.22
C VAL B 202 11.14 8.72 2.02
N ILE B 203 12.03 7.80 1.66
CA ILE B 203 12.86 8.07 0.52
C ILE B 203 12.64 7.01 -0.52
N SER B 204 12.42 7.41 -1.76
CA SER B 204 12.21 6.46 -2.82
C SER B 204 13.13 6.78 -3.97
N LEU B 205 13.80 5.79 -4.51
CA LEU B 205 14.73 6.05 -5.61
C LEU B 205 14.14 5.70 -6.95
N HIS B 206 14.29 6.68 -7.85
CA HIS B 206 13.78 6.54 -9.22
C HIS B 206 14.80 7.05 -10.21
N VAL B 207 15.99 6.41 -10.15
CA VAL B 207 17.10 6.83 -11.03
C VAL B 207 17.72 5.58 -11.58
N PRO B 208 18.48 5.74 -12.64
CA PRO B 208 19.05 4.63 -13.36
C PRO B 208 20.29 4.15 -12.65
N ASP B 209 20.66 2.93 -12.92
CA ASP B 209 21.91 2.36 -12.50
C ASP B 209 23.06 2.91 -13.38
N VAL B 210 23.62 4.04 -13.06
CA VAL B 210 24.80 4.57 -13.71
C VAL B 210 25.92 4.60 -12.65
N PRO B 211 27.15 4.42 -13.09
CA PRO B 211 28.35 4.40 -12.26
C PRO B 211 28.29 5.40 -11.14
N ALA B 212 27.92 6.64 -11.47
CA ALA B 212 27.91 7.65 -10.41
C ALA B 212 26.87 7.36 -9.34
N ASN B 213 25.95 6.42 -9.64
CA ASN B 213 24.82 6.19 -8.75
C ASN B 213 25.04 4.99 -7.86
N VAL B 214 26.05 4.17 -8.15
CA VAL B 214 26.26 2.95 -7.37
C VAL B 214 26.45 3.26 -5.88
N HIS B 215 25.68 2.56 -5.06
CA HIS B 215 25.76 2.67 -3.62
C HIS B 215 25.54 4.07 -3.12
N MET B 216 24.63 4.77 -3.80
CA MET B 216 24.33 6.14 -3.33
C MET B 216 23.67 6.02 -1.97
N ILE B 217 23.06 4.88 -1.66
CA ILE B 217 22.48 4.67 -0.33
C ILE B 217 23.48 3.82 0.46
N ASN B 218 24.19 4.45 1.37
CA ASN B 218 25.33 3.72 1.98
C ASN B 218 25.39 4.16 3.42
N ASP B 219 26.31 3.66 4.22
CA ASP B 219 26.38 4.05 5.62
C ASP B 219 26.44 5.55 5.78
N GLU B 220 27.12 6.26 4.86
CA GLU B 220 27.23 7.70 4.99
C GLU B 220 25.91 8.41 4.68
N SER B 221 25.23 8.10 3.59
CA SER B 221 23.92 8.81 3.40
C SER B 221 22.91 8.35 4.42
N ILE B 222 22.93 7.10 4.90
CA ILE B 222 21.95 6.74 5.93
C ILE B 222 22.18 7.55 7.20
N ALA B 223 23.44 7.73 7.59
CA ALA B 223 23.74 8.50 8.82
C ALA B 223 23.09 9.88 8.74
N LYS B 224 22.97 10.45 7.54
CA LYS B 224 22.34 11.74 7.36
C LYS B 224 20.82 11.74 7.40
N MET B 225 20.19 10.57 7.22
CA MET B 225 18.73 10.54 7.13
C MET B 225 18.11 10.64 8.51
N LYS B 226 16.83 10.95 8.53
CA LYS B 226 16.09 11.05 9.77
C LYS B 226 15.84 9.70 10.41
N GLN B 227 15.56 9.77 11.69
CA GLN B 227 15.22 8.61 12.51
C GLN B 227 13.93 8.00 11.99
N ASP B 228 13.82 6.69 11.90
CA ASP B 228 12.60 6.02 11.44
C ASP B 228 12.37 6.23 9.95
N VAL B 229 13.43 6.57 9.25
CA VAL B 229 13.27 6.74 7.77
C VAL B 229 12.80 5.39 7.19
N VAL B 230 12.01 5.48 6.16
CA VAL B 230 11.59 4.37 5.33
C VAL B 230 12.26 4.49 3.96
N ILE B 231 13.00 3.49 3.53
CA ILE B 231 13.64 3.61 2.21
C ILE B 231 12.98 2.65 1.26
N VAL B 232 12.75 3.08 0.05
CA VAL B 232 12.15 2.29 -0.99
C VAL B 232 13.07 2.24 -2.21
N ASN B 233 13.40 1.07 -2.67
CA ASN B 233 14.14 0.97 -3.92
C ASN B 233 13.43 0.04 -4.91
N VAL B 234 12.81 0.61 -5.91
CA VAL B 234 12.23 -0.26 -6.97
C VAL B 234 13.01 0.00 -8.24
N SER B 235 14.14 0.76 -8.15
CA SER B 235 14.84 1.07 -9.41
C SER B 235 15.89 0.03 -9.78
N ARG B 236 17.01 0.03 -9.08
CA ARG B 236 18.10 -0.90 -9.38
C ARG B 236 18.86 -1.25 -8.10
N GLY B 237 19.18 -2.52 -7.92
CA GLY B 237 19.88 -2.98 -6.75
C GLY B 237 21.13 -2.23 -6.30
N PRO B 238 22.07 -2.09 -7.20
CA PRO B 238 23.38 -1.50 -6.93
C PRO B 238 23.23 -0.09 -6.47
N LEU B 239 22.08 0.56 -6.54
CA LEU B 239 21.94 1.90 -5.99
C LEU B 239 22.12 1.88 -4.47
N VAL B 240 21.83 0.72 -3.91
CA VAL B 240 21.82 0.57 -2.48
C VAL B 240 22.87 -0.38 -1.98
N ASP B 241 23.69 0.08 -1.06
CA ASP B 241 24.65 -0.82 -0.38
C ASP B 241 23.74 -1.64 0.54
N THR B 242 23.50 -2.89 0.25
CA THR B 242 22.56 -3.68 1.03
C THR B 242 22.98 -3.82 2.47
N ASP B 243 24.30 -4.04 2.69
CA ASP B 243 24.72 -4.23 4.10
C ASP B 243 24.48 -2.98 4.90
N ALA B 244 24.66 -1.81 4.28
CA ALA B 244 24.50 -0.54 4.98
C ALA B 244 23.05 -0.41 5.44
N VAL B 245 22.12 -0.75 4.52
CA VAL B 245 20.68 -0.71 4.90
C VAL B 245 20.41 -1.67 6.03
N ILE B 246 21.02 -2.87 5.97
CA ILE B 246 20.86 -3.84 7.04
C ILE B 246 21.39 -3.24 8.36
N ARG B 247 22.55 -2.60 8.38
CA ARG B 247 23.01 -1.94 9.60
C ARG B 247 22.00 -0.87 9.99
N GLY B 248 21.45 -0.16 8.99
CA GLY B 248 20.50 0.91 9.32
C GLY B 248 19.26 0.31 9.97
N LEU B 249 18.84 -0.87 9.53
CA LEU B 249 17.72 -1.56 10.07
C LEU B 249 18.08 -2.06 11.47
N ASP B 250 19.30 -2.59 11.62
CA ASP B 250 19.65 -3.21 12.90
C ASP B 250 19.85 -2.11 13.94
N SER B 251 20.37 -0.95 13.52
CA SER B 251 20.54 0.11 14.53
C SER B 251 19.23 0.74 14.93
N GLY B 252 18.10 0.49 14.29
CA GLY B 252 16.84 1.12 14.64
C GLY B 252 16.65 2.42 13.87
N LYS B 253 17.69 2.84 13.12
CA LYS B 253 17.59 4.08 12.39
C LYS B 253 16.54 3.99 11.27
N ILE B 254 16.64 2.94 10.46
CA ILE B 254 15.77 2.75 9.32
C ILE B 254 14.56 1.96 9.78
N PHE B 255 13.38 2.51 9.65
CA PHE B 255 12.13 1.92 10.06
C PHE B 255 11.79 0.71 9.18
N GLY B 256 12.13 0.78 7.89
CA GLY B 256 11.88 -0.43 7.05
C GLY B 256 12.40 -0.21 5.66
N TYR B 257 12.42 -1.23 4.86
CA TYR B 257 13.00 -1.14 3.53
C TYR B 257 12.16 -1.90 2.52
N ALA B 258 11.75 -1.21 1.47
CA ALA B 258 10.97 -1.88 0.41
C ALA B 258 11.91 -2.11 -0.75
N MET B 259 12.19 -3.34 -1.14
CA MET B 259 13.06 -3.51 -2.31
C MET B 259 12.40 -4.40 -3.37
N ASP B 260 12.41 -3.93 -4.58
CA ASP B 260 11.93 -4.69 -5.72
C ASP B 260 13.17 -5.24 -6.44
N VAL B 261 14.27 -4.52 -6.18
CA VAL B 261 15.49 -4.85 -6.88
C VAL B 261 16.61 -5.15 -5.86
N TYR B 262 17.55 -5.93 -6.38
CA TYR B 262 18.63 -6.39 -5.53
C TYR B 262 19.95 -6.63 -6.28
N GLU B 263 20.98 -6.10 -5.63
CA GLU B 263 22.37 -6.34 -6.03
C GLU B 263 22.64 -7.83 -5.98
N GLY B 264 22.70 -8.58 -7.02
CA GLY B 264 22.75 -10.05 -6.85
C GLY B 264 21.41 -10.69 -7.19
N GLU B 265 20.46 -9.98 -7.77
CA GLU B 265 19.19 -10.63 -8.11
C GLU B 265 19.35 -11.50 -9.34
N VAL B 266 20.33 -11.12 -10.18
CA VAL B 266 20.39 -11.88 -11.46
C VAL B 266 20.65 -13.35 -11.14
N GLY B 267 19.76 -14.22 -11.59
CA GLY B 267 19.90 -15.66 -11.39
C GLY B 267 19.19 -16.10 -10.13
N ILE B 268 18.64 -15.16 -9.35
CA ILE B 268 17.97 -15.53 -8.12
C ILE B 268 16.49 -15.22 -8.32
N PHE B 269 16.29 -13.95 -8.70
CA PHE B 269 14.93 -13.47 -8.97
C PHE B 269 14.38 -14.26 -10.18
N ASN B 270 13.08 -14.40 -10.20
CA ASN B 270 12.35 -15.05 -11.27
C ASN B 270 12.82 -16.51 -11.42
N GLU B 271 13.02 -17.17 -10.34
CA GLU B 271 13.43 -18.55 -10.23
C GLU B 271 12.71 -19.16 -9.05
N ASP B 272 12.41 -20.42 -9.09
CA ASP B 272 11.80 -21.12 -7.98
C ASP B 272 12.85 -21.80 -7.13
N TRP B 273 12.91 -21.46 -5.84
CA TRP B 273 13.91 -22.06 -4.96
C TRP B 273 13.25 -22.87 -3.87
N GLU B 274 11.97 -23.00 -3.95
CA GLU B 274 11.19 -23.77 -2.97
C GLU B 274 11.85 -25.12 -2.76
N GLY B 275 12.18 -25.54 -1.57
CA GLY B 275 12.73 -26.88 -1.36
C GLY B 275 14.11 -27.04 -2.00
N LYS B 276 14.79 -25.94 -2.24
CA LYS B 276 16.13 -25.97 -2.79
C LYS B 276 17.00 -25.23 -1.75
N GLU B 277 18.30 -25.31 -1.89
CA GLU B 277 19.18 -24.56 -0.99
C GLU B 277 19.18 -23.12 -1.50
N PHE B 278 18.67 -22.18 -0.73
CA PHE B 278 18.63 -20.80 -1.19
C PHE B 278 20.06 -20.34 -1.37
N PRO B 279 20.42 -19.76 -2.47
CA PRO B 279 21.76 -19.35 -2.76
C PRO B 279 22.25 -18.10 -2.05
N ASP B 280 21.38 -17.30 -1.43
CA ASP B 280 21.82 -16.00 -0.92
C ASP B 280 21.20 -15.74 0.44
N ALA B 281 21.93 -16.16 1.49
CA ALA B 281 21.46 -16.10 2.83
C ALA B 281 21.09 -14.66 3.24
N ARG B 282 21.75 -13.69 2.68
CA ARG B 282 21.49 -12.33 2.97
C ARG B 282 20.08 -11.99 2.41
N LEU B 283 19.77 -12.49 1.23
CA LEU B 283 18.45 -12.22 0.64
C LEU B 283 17.41 -13.00 1.40
N ALA B 284 17.73 -14.26 1.79
CA ALA B 284 16.69 -15.00 2.52
C ALA B 284 16.33 -14.26 3.82
N ASP B 285 17.33 -13.73 4.49
CA ASP B 285 17.13 -13.00 5.74
C ASP B 285 16.26 -11.74 5.56
N LEU B 286 16.59 -10.90 4.60
CA LEU B 286 15.77 -9.76 4.18
C LEU B 286 14.32 -10.17 3.95
N ILE B 287 14.11 -11.22 3.14
CA ILE B 287 12.75 -11.65 2.85
C ILE B 287 11.92 -11.88 4.09
N ALA B 288 12.53 -12.44 5.13
CA ALA B 288 11.79 -12.79 6.34
C ALA B 288 11.76 -11.68 7.40
N ARG B 289 12.39 -10.54 7.17
CA ARG B 289 12.27 -9.47 8.19
C ARG B 289 10.89 -8.87 8.11
N PRO B 290 10.28 -8.61 9.24
CA PRO B 290 9.02 -7.95 9.39
C PRO B 290 8.98 -6.55 8.83
N ASN B 291 10.12 -5.87 8.73
CA ASN B 291 10.08 -4.48 8.26
C ASN B 291 10.80 -4.34 6.93
N VAL B 292 10.90 -5.44 6.19
CA VAL B 292 11.48 -5.44 4.86
C VAL B 292 10.46 -6.12 3.91
N LEU B 293 10.26 -5.48 2.77
CA LEU B 293 9.29 -6.07 1.80
C LEU B 293 10.08 -6.41 0.56
N VAL B 294 10.15 -7.61 0.17
CA VAL B 294 10.96 -8.01 -0.96
C VAL B 294 10.02 -8.51 -2.06
N THR B 295 10.18 -7.95 -3.24
CA THR B 295 9.49 -8.45 -4.43
C THR B 295 10.64 -8.72 -5.42
N PRO B 296 10.46 -9.74 -6.25
CA PRO B 296 11.56 -10.16 -7.12
C PRO B 296 11.57 -9.44 -8.45
N HIS B 297 11.68 -8.12 -8.47
CA HIS B 297 11.76 -7.34 -9.69
C HIS B 297 10.41 -7.47 -10.47
N THR B 298 9.35 -7.24 -9.73
CA THR B 298 8.00 -7.35 -10.22
C THR B 298 7.33 -5.96 -10.20
N ALA B 299 8.09 -4.90 -9.98
CA ALA B 299 7.43 -3.60 -10.01
C ALA B 299 6.73 -3.42 -11.35
N PHE B 300 7.33 -3.93 -12.42
CA PHE B 300 6.88 -3.72 -13.76
C PHE B 300 5.73 -4.63 -14.15
N TYR B 301 5.52 -5.69 -13.34
CA TYR B 301 4.66 -6.78 -13.73
C TYR B 301 3.17 -6.52 -13.54
N THR B 302 2.63 -5.73 -14.44
CA THR B 302 1.20 -5.42 -14.47
C THR B 302 0.67 -5.66 -15.88
N THR B 303 -0.62 -5.87 -16.09
CA THR B 303 -1.13 -6.13 -17.45
C THR B 303 -0.92 -4.95 -18.36
N HIS B 304 -1.11 -3.75 -17.88
CA HIS B 304 -0.86 -2.53 -18.62
C HIS B 304 0.61 -2.40 -19.05
N ALA B 305 1.56 -2.65 -18.14
CA ALA B 305 2.98 -2.64 -18.49
C ALA B 305 3.31 -3.72 -19.52
N VAL B 306 2.91 -4.95 -19.26
CA VAL B 306 3.38 -6.03 -20.14
C VAL B 306 2.87 -5.86 -21.57
N ARG B 307 1.68 -5.35 -21.78
CA ARG B 307 1.20 -5.11 -23.13
C ARG B 307 2.15 -4.15 -23.83
N ASN B 308 2.40 -3.01 -23.22
CA ASN B 308 3.20 -1.96 -23.80
C ASN B 308 4.63 -2.40 -24.01
N MET B 309 5.19 -3.18 -23.04
CA MET B 309 6.54 -3.65 -23.22
C MET B 309 6.62 -4.45 -24.53
N VAL B 310 5.63 -5.27 -24.77
CA VAL B 310 5.66 -6.13 -25.96
C VAL B 310 5.43 -5.32 -27.23
N VAL B 311 4.30 -4.62 -27.26
CA VAL B 311 3.90 -3.88 -28.46
C VAL B 311 4.93 -2.86 -28.85
N LYS B 312 5.36 -2.00 -27.91
CA LYS B 312 6.35 -0.97 -28.31
C LYS B 312 7.66 -1.60 -28.73
N ALA B 313 8.07 -2.67 -28.09
CA ALA B 313 9.34 -3.29 -28.44
C ALA B 313 9.29 -3.68 -29.92
N PHE B 314 8.23 -4.38 -30.32
CA PHE B 314 8.07 -4.83 -31.70
C PHE B 314 7.89 -3.68 -32.66
N ASP B 315 7.11 -2.67 -32.29
CA ASP B 315 7.00 -1.46 -33.07
C ASP B 315 8.41 -0.96 -33.40
N ASN B 316 9.16 -0.76 -32.31
CA ASN B 316 10.51 -0.28 -32.42
C ASN B 316 11.34 -1.19 -33.31
N ASN B 317 11.24 -2.50 -33.13
CA ASN B 317 12.09 -3.40 -33.90
C ASN B 317 11.73 -3.35 -35.36
N LEU B 318 10.41 -3.32 -35.68
CA LEU B 318 9.99 -3.24 -37.08
C LEU B 318 10.64 -1.99 -37.68
N GLU B 319 10.49 -0.86 -36.95
CA GLU B 319 11.08 0.38 -37.48
C GLU B 319 12.56 0.19 -37.78
N LEU B 320 13.34 -0.36 -36.85
CA LEU B 320 14.75 -0.58 -37.12
C LEU B 320 14.92 -1.39 -38.42
N VAL B 321 14.22 -2.52 -38.46
CA VAL B 321 14.37 -3.45 -39.57
C VAL B 321 14.04 -2.74 -40.90
N GLU B 322 12.95 -1.99 -40.92
CA GLU B 322 12.51 -1.30 -42.13
C GLU B 322 13.25 0.00 -42.36
N GLY B 323 14.41 0.18 -41.70
CA GLY B 323 15.24 1.34 -41.85
C GLY B 323 14.54 2.65 -41.55
N LYS B 324 13.34 2.59 -40.96
CA LYS B 324 12.63 3.80 -40.59
C LYS B 324 13.21 4.31 -39.25
N GLU B 325 12.63 5.37 -38.73
CA GLU B 325 13.09 5.95 -37.48
C GLU B 325 12.49 5.23 -36.29
N ALA B 326 13.32 4.64 -35.44
CA ALA B 326 12.79 3.97 -34.24
C ALA B 326 12.17 5.05 -33.36
N GLU B 327 11.07 4.74 -32.68
CA GLU B 327 10.45 5.74 -31.82
C GLU B 327 11.27 6.02 -30.57
N THR B 328 11.91 5.02 -30.01
CA THR B 328 12.63 5.20 -28.73
C THR B 328 13.96 4.48 -28.77
N PRO B 329 14.85 4.99 -29.60
CA PRO B 329 16.16 4.43 -29.83
C PRO B 329 17.10 4.68 -28.66
N VAL B 330 18.01 3.77 -28.40
CA VAL B 330 18.98 3.97 -27.33
C VAL B 330 20.29 4.49 -27.91
N LYS B 331 21.08 5.20 -27.14
CA LYS B 331 22.41 5.58 -27.65
C LYS B 331 23.39 4.42 -27.46
N VAL B 332 24.14 4.06 -28.48
CA VAL B 332 25.23 3.09 -28.34
C VAL B 332 26.50 3.97 -28.37
PA NAD C . -19.94 9.98 7.77
O1A NAD C . -21.24 10.17 8.51
O2A NAD C . -19.02 11.19 7.67
O5B NAD C . -20.19 9.30 6.37
C5B NAD C . -21.39 8.52 6.03
C4B NAD C . -21.85 8.90 4.69
O4B NAD C . -22.57 7.74 4.07
C3B NAD C . -22.88 10.07 4.54
O3B NAD C . -22.36 11.01 3.50
C2B NAD C . -24.21 9.45 4.15
O2B NAD C . -25.12 10.19 3.51
C1B NAD C . -23.64 8.28 3.33
N9A NAD C . -24.56 7.18 3.17
C8A NAD C . -25.42 6.58 4.06
N7A NAD C . -26.13 5.57 3.59
C5A NAD C . -25.79 5.44 2.32
C6A NAD C . -26.25 4.49 1.31
N6A NAD C . -27.15 3.55 1.49
N1A NAD C . -25.65 4.68 0.09
C2A NAD C . -24.71 5.60 -0.20
N3A NAD C . -24.25 6.52 0.74
C4A NAD C . -24.81 6.42 2.00
O3 NAD C . -19.17 8.82 8.48
PN NAD C . -17.51 8.59 8.54
O1N NAD C . -17.08 8.70 7.15
O2N NAD C . -16.94 9.37 9.64
O5D NAD C . -17.45 7.04 9.01
C5D NAD C . -17.53 6.02 7.94
C4D NAD C . -17.77 4.72 8.60
O4D NAD C . -16.38 4.28 9.06
C3D NAD C . -18.50 4.77 9.99
O3D NAD C . -19.83 4.50 9.67
C2D NAD C . -17.84 3.74 10.93
O2D NAD C . -18.61 2.63 11.12
C1D NAD C . -16.49 3.47 10.23
N1N NAD C . -15.16 3.58 11.01
C2N NAD C . -14.34 2.45 10.93
C3N NAD C . -13.17 2.59 11.61
C7N NAD C . -12.25 1.30 11.51
O7N NAD C . -11.25 1.26 12.24
N7N NAD C . -12.54 0.34 10.59
C4N NAD C . -12.73 3.71 12.33
C5N NAD C . -13.66 4.79 12.33
C6N NAD C . -14.85 4.72 11.67
S SO4 D . 13.40 -2.23 -16.31
O1 SO4 D . 12.24 -1.76 -17.11
O2 SO4 D . 13.77 -1.07 -15.38
O3 SO4 D . 13.14 -3.38 -15.43
O4 SO4 D . 14.59 -2.47 -17.18
PA NAD E . 13.83 8.35 -16.36
O1A NAD E . 15.05 8.29 -17.20
O2A NAD E . 12.52 8.93 -16.78
O5B NAD E . 14.20 8.99 -14.97
C5B NAD E . 15.57 8.96 -14.43
C4B NAD E . 15.71 10.28 -13.75
O4B NAD E . 16.75 10.22 -12.74
C3B NAD E . 16.10 11.49 -14.67
O3B NAD E . 15.22 12.64 -14.23
C2B NAD E . 17.58 11.82 -14.31
O2B NAD E . 17.87 13.17 -14.41
C1B NAD E . 17.47 11.42 -12.84
N9A NAD E . 18.71 11.07 -12.20
C8A NAD E . 19.77 10.27 -12.57
N7A NAD E . 20.71 10.13 -11.66
C5A NAD E . 20.29 10.81 -10.60
C6A NAD E . 20.92 11.01 -9.29
N6A NAD E . 22.08 10.52 -8.91
N1A NAD E . 20.18 11.82 -8.49
C2A NAD E . 18.99 12.38 -8.75
N3A NAD E . 18.35 12.21 -9.98
C4A NAD E . 19.04 11.42 -10.88
O3 NAD E . 13.69 6.85 -15.91
PN NAD E . 12.32 6.18 -15.20
O1N NAD E . 11.92 7.14 -14.21
O2N NAD E . 11.53 5.65 -16.31
O5D NAD E . 13.04 4.88 -14.60
C5D NAD E . 14.00 5.05 -13.49
C4D NAD E . 14.83 3.83 -13.39
O4D NAD E . 13.89 2.82 -12.65
C3D NAD E . 15.11 2.94 -14.64
O3D NAD E . 16.38 3.42 -15.08
C2D NAD E . 15.35 1.51 -14.07
O2D NAD E . 16.61 1.35 -13.60
C1D NAD E . 14.28 1.51 -12.92
N1N NAD E . 13.02 0.68 -13.30
C2N NAD E . 12.77 -0.44 -12.54
C3N NAD E . 11.66 -1.12 -12.95
C7N NAD E . 11.35 -2.39 -12.07
O7N NAD E . 10.58 -3.20 -12.61
N7N NAD E . 11.86 -2.54 -10.85
C4N NAD E . 10.82 -0.80 -14.03
C5N NAD E . 11.20 0.35 -14.73
C6N NAD E . 12.29 1.10 -14.36
#